data_8ZSA
#
_entry.id   8ZSA
#
_cell.length_a   101.525
_cell.length_b   101.525
_cell.length_c   326.778
_cell.angle_alpha   90.00
_cell.angle_beta   90.00
_cell.angle_gamma   120.00
#
_symmetry.space_group_name_H-M   'P 65'
#
loop_
_entity.id
_entity.type
_entity.pdbx_description
1 polymer 4VPMT2
2 non-polymer S-ADENOSYLMETHIONINE
3 non-polymer 4-ethenylphenol
4 water water
#
_entity_poly.entity_id   1
_entity_poly.type   'polypeptide(L)'
_entity_poly.pdbx_seq_one_letter_code
;MGSHHHHHHHHGSDYDIPTTENLYFQGSMEKQDTHVNTEKQEAYRGIDKPHLYTLGCCSLTAMASAQLDALWSQLSWPQT
PLPVLDIGCGPGDIARKVLAPRLPAGTRLVACDISPEMVDFCRQHNALPGTITYELLDVVEPRLEDTVVWRNGPFGKVFC
MLMLHLVPDNRLAVKNIHKLLVPGGEAVFSVIANMALCDAYEEMAKEPRWALYMQDVEKFVSPYQHSEDPVGEFRLLLES
EGFQVLRCDLGPQKVFFPTAETHREFLKSVCAFLYRIPEEQKDDFFDDWLQRLEKLKGTSQGVGRNGEAEYYIHLSVITA
LARKF
;
_entity_poly.pdbx_strand_id   A,B,C,D
#
loop_
_chem_comp.id
_chem_comp.type
_chem_comp.name
_chem_comp.formula
4VP non-polymer 4-ethenylphenol 'C8 H8 O'
SAM non-polymer S-ADENOSYLMETHIONINE 'C15 H22 N6 O5 S'
#
# COMPACT_ATOMS: atom_id res chain seq x y z
N GLU A 42 -32.55 -20.34 -1.84
CA GLU A 42 -32.60 -20.24 -3.30
C GLU A 42 -34.01 -19.91 -3.78
N ALA A 43 -34.16 -19.74 -5.10
CA ALA A 43 -35.43 -19.41 -5.72
C ALA A 43 -36.03 -18.14 -5.12
N TYR A 44 -37.13 -18.29 -4.38
CA TYR A 44 -37.73 -17.15 -3.70
C TYR A 44 -36.80 -16.72 -2.58
N ARG A 45 -36.12 -15.58 -2.78
CA ARG A 45 -35.03 -15.13 -1.93
C ARG A 45 -33.94 -16.20 -1.90
N GLY A 46 -33.05 -16.14 -0.91
CA GLY A 46 -31.97 -17.10 -0.83
C GLY A 46 -32.06 -18.01 0.37
N ILE A 47 -31.05 -17.96 1.23
CA ILE A 47 -31.01 -18.74 2.45
C ILE A 47 -31.52 -17.86 3.58
N ASP A 48 -32.79 -18.02 3.93
CA ASP A 48 -33.32 -17.38 5.12
C ASP A 48 -32.78 -18.09 6.36
N LYS A 49 -33.17 -17.60 7.53
CA LYS A 49 -32.65 -18.07 8.81
C LYS A 49 -31.14 -17.97 8.83
N PRO A 50 -30.58 -16.75 8.87
CA PRO A 50 -29.12 -16.62 8.89
C PRO A 50 -28.49 -17.07 10.19
N HIS A 51 -29.27 -17.16 11.28
CA HIS A 51 -28.73 -17.62 12.54
C HIS A 51 -28.18 -19.05 12.44
N LEU A 52 -28.92 -19.92 11.76
CA LEU A 52 -28.48 -21.30 11.61
C LEU A 52 -27.27 -21.44 10.71
N TYR A 53 -27.00 -20.46 9.85
CA TYR A 53 -25.90 -20.58 8.92
C TYR A 53 -24.56 -20.20 9.54
N THR A 54 -24.53 -19.23 10.46
CA THR A 54 -23.29 -18.90 11.13
C THR A 54 -22.75 -20.02 12.00
N LEU A 55 -23.53 -21.09 12.20
CA LEU A 55 -23.02 -22.26 12.87
C LEU A 55 -21.87 -22.90 12.11
N GLY A 56 -21.80 -22.67 10.80
CA GLY A 56 -20.70 -23.11 9.98
C GLY A 56 -19.64 -22.06 9.71
N CYS A 57 -19.78 -20.86 10.28
CA CYS A 57 -18.75 -19.83 10.16
C CYS A 57 -17.40 -20.34 10.61
N CYS A 58 -17.30 -20.79 11.87
CA CYS A 58 -16.02 -21.23 12.43
C CYS A 58 -15.32 -22.29 11.58
N SER A 59 -16.02 -22.89 10.62
CA SER A 59 -15.42 -23.84 9.69
C SER A 59 -15.33 -23.30 8.27
N LEU A 60 -16.42 -22.74 7.74
CA LEU A 60 -16.39 -22.20 6.39
C LEU A 60 -15.44 -21.00 6.27
N THR A 61 -15.22 -20.27 7.37
CA THR A 61 -14.26 -19.19 7.36
C THR A 61 -12.86 -19.71 7.05
N ALA A 62 -12.46 -20.79 7.74
CA ALA A 62 -11.13 -21.35 7.52
C ALA A 62 -10.99 -21.95 6.13
N MET A 63 -12.09 -22.47 5.57
CA MET A 63 -12.01 -23.12 4.25
C MET A 63 -11.69 -22.11 3.16
N ALA A 64 -12.49 -21.05 3.06
CA ALA A 64 -12.22 -20.02 2.06
C ALA A 64 -10.93 -19.27 2.37
N SER A 65 -10.59 -19.15 3.65
CA SER A 65 -9.31 -18.52 4.01
C SER A 65 -8.14 -19.34 3.50
N ALA A 66 -8.34 -20.65 3.30
CA ALA A 66 -7.28 -21.47 2.74
C ALA A 66 -7.28 -21.42 1.22
N GLN A 67 -8.46 -21.34 0.61
CA GLN A 67 -8.54 -21.21 -0.84
C GLN A 67 -7.92 -19.90 -1.31
N LEU A 68 -8.26 -18.79 -0.64
CA LEU A 68 -7.77 -17.49 -1.07
C LEU A 68 -6.26 -17.36 -0.89
N ASP A 69 -5.69 -18.03 0.12
CA ASP A 69 -4.25 -17.97 0.33
C ASP A 69 -3.49 -18.61 -0.82
N ALA A 70 -4.10 -19.59 -1.50
CA ALA A 70 -3.44 -20.22 -2.63
C ALA A 70 -3.46 -19.34 -3.88
N LEU A 71 -4.42 -18.43 -3.98
CA LEU A 71 -4.57 -17.57 -5.14
C LEU A 71 -4.14 -16.13 -4.91
N TRP A 72 -3.94 -15.73 -3.65
CA TRP A 72 -3.77 -14.30 -3.36
C TRP A 72 -2.50 -13.74 -3.99
N SER A 73 -1.47 -14.57 -4.17
CA SER A 73 -0.26 -14.09 -4.82
C SER A 73 -0.49 -13.79 -6.29
N GLN A 74 -1.41 -14.50 -6.93
CA GLN A 74 -1.70 -14.31 -8.35
C GLN A 74 -2.64 -13.14 -8.61
N LEU A 75 -3.06 -12.41 -7.58
CA LEU A 75 -3.98 -11.30 -7.74
C LEU A 75 -3.20 -10.00 -7.88
N SER A 76 -3.45 -9.27 -8.95
CA SER A 76 -2.83 -7.97 -9.19
C SER A 76 -3.81 -6.86 -8.85
N TRP A 77 -3.28 -5.75 -8.32
CA TRP A 77 -4.11 -4.69 -7.77
C TRP A 77 -3.70 -3.34 -8.34
N PRO A 78 -4.65 -2.44 -8.51
CA PRO A 78 -4.33 -1.10 -9.01
C PRO A 78 -3.70 -0.24 -7.93
N GLN A 79 -3.01 0.81 -8.38
CA GLN A 79 -2.41 1.80 -7.49
C GLN A 79 -3.48 2.42 -6.60
N THR A 80 -4.32 3.27 -7.17
CA THR A 80 -5.46 3.79 -6.45
C THR A 80 -6.49 2.68 -6.30
N PRO A 81 -6.88 2.31 -5.08
CA PRO A 81 -7.78 1.17 -4.90
C PRO A 81 -9.14 1.40 -5.56
N LEU A 82 -9.76 0.29 -5.96
CA LEU A 82 -11.10 0.28 -6.52
C LEU A 82 -12.01 -0.55 -5.61
N PRO A 83 -13.32 -0.31 -5.65
CA PRO A 83 -14.24 -1.10 -4.83
C PRO A 83 -14.21 -2.58 -5.23
N VAL A 84 -14.31 -3.44 -4.23
CA VAL A 84 -14.30 -4.89 -4.43
C VAL A 84 -15.67 -5.43 -4.04
N LEU A 85 -16.18 -6.35 -4.84
CA LEU A 85 -17.53 -6.87 -4.69
C LEU A 85 -17.50 -8.34 -4.26
N ASP A 86 -18.39 -8.69 -3.33
CA ASP A 86 -18.58 -10.07 -2.91
C ASP A 86 -20.03 -10.46 -3.17
N ILE A 87 -20.23 -11.44 -4.05
CA ILE A 87 -21.55 -11.87 -4.47
C ILE A 87 -21.93 -13.12 -3.69
N GLY A 88 -23.15 -13.14 -3.14
CA GLY A 88 -23.58 -14.25 -2.31
C GLY A 88 -22.76 -14.34 -1.04
N CYS A 89 -22.67 -13.22 -0.31
CA CYS A 89 -21.80 -13.13 0.85
C CYS A 89 -22.32 -13.88 2.06
N GLY A 90 -23.57 -14.32 2.05
CA GLY A 90 -24.15 -15.00 3.18
C GLY A 90 -24.29 -14.09 4.39
N PRO A 91 -23.99 -14.62 5.57
CA PRO A 91 -24.06 -13.79 6.79
C PRO A 91 -22.86 -12.86 6.95
N GLY A 92 -22.09 -12.67 5.89
CA GLY A 92 -21.01 -11.70 5.91
C GLY A 92 -19.80 -12.08 6.72
N ASP A 93 -19.46 -13.37 6.77
CA ASP A 93 -18.28 -13.80 7.52
C ASP A 93 -17.05 -13.90 6.65
N ILE A 94 -17.18 -14.44 5.43
CA ILE A 94 -16.09 -14.39 4.48
C ILE A 94 -15.77 -12.94 4.12
N ALA A 95 -16.80 -12.09 4.04
CA ALA A 95 -16.59 -10.69 3.72
C ALA A 95 -15.82 -9.97 4.82
N ARG A 96 -16.17 -10.23 6.08
CA ARG A 96 -15.57 -9.51 7.19
C ARG A 96 -14.27 -10.14 7.67
N LYS A 97 -14.28 -11.45 7.93
CA LYS A 97 -13.16 -12.11 8.59
C LYS A 97 -12.09 -12.63 7.63
N VAL A 98 -12.37 -12.69 6.33
CA VAL A 98 -11.43 -13.25 5.37
C VAL A 98 -11.03 -12.20 4.35
N LEU A 99 -12.02 -11.69 3.60
CA LEU A 99 -11.73 -10.76 2.51
C LEU A 99 -11.17 -9.44 3.04
N ALA A 100 -11.88 -8.82 3.98
CA ALA A 100 -11.48 -7.50 4.46
C ALA A 100 -10.06 -7.46 5.05
N PRO A 101 -9.62 -8.41 5.88
CA PRO A 101 -8.24 -8.33 6.39
C PRO A 101 -7.18 -8.51 5.33
N ARG A 102 -7.52 -9.05 4.15
CA ARG A 102 -6.54 -9.35 3.13
C ARG A 102 -6.51 -8.34 1.99
N LEU A 103 -7.48 -7.43 1.93
CA LEU A 103 -7.50 -6.41 0.89
C LEU A 103 -6.44 -5.35 1.18
N PRO A 104 -5.97 -4.66 0.13
CA PRO A 104 -5.07 -3.52 0.34
C PRO A 104 -5.75 -2.43 1.15
N ALA A 105 -4.91 -1.57 1.75
CA ALA A 105 -5.43 -0.48 2.57
C ALA A 105 -6.24 0.49 1.70
N GLY A 106 -7.35 0.98 2.26
CA GLY A 106 -8.21 1.88 1.55
C GLY A 106 -9.13 1.24 0.53
N THR A 107 -9.14 -0.09 0.43
CA THR A 107 -10.01 -0.78 -0.51
C THR A 107 -11.39 -0.97 0.13
N ARG A 108 -12.41 -0.37 -0.48
CA ARG A 108 -13.77 -0.49 0.02
C ARG A 108 -14.40 -1.77 -0.50
N LEU A 109 -15.19 -2.43 0.35
CA LEU A 109 -15.80 -3.72 0.03
C LEU A 109 -17.32 -3.57 -0.05
N VAL A 110 -17.91 -4.24 -1.03
CA VAL A 110 -19.36 -4.28 -1.21
C VAL A 110 -19.78 -5.74 -1.23
N ALA A 111 -20.67 -6.12 -0.33
CA ALA A 111 -21.14 -7.50 -0.20
C ALA A 111 -22.65 -7.54 -0.44
N CYS A 112 -23.08 -8.43 -1.33
CA CYS A 112 -24.48 -8.55 -1.69
C CYS A 112 -24.96 -9.98 -1.49
N ASP A 113 -26.27 -10.12 -1.36
CA ASP A 113 -26.91 -11.41 -1.18
C ASP A 113 -28.40 -11.25 -1.51
N ILE A 114 -28.95 -12.19 -2.26
CA ILE A 114 -30.35 -12.07 -2.66
C ILE A 114 -31.27 -12.17 -1.43
N SER A 115 -30.84 -12.87 -0.40
CA SER A 115 -31.66 -13.04 0.80
C SER A 115 -31.54 -11.79 1.67
N PRO A 116 -32.65 -11.13 2.01
CA PRO A 116 -32.57 -9.98 2.93
C PRO A 116 -32.03 -10.38 4.29
N GLU A 117 -32.67 -11.36 4.94
CA GLU A 117 -32.32 -11.82 6.27
C GLU A 117 -30.81 -11.95 6.46
N MET A 118 -30.11 -12.39 5.42
CA MET A 118 -28.65 -12.42 5.47
C MET A 118 -28.06 -11.02 5.54
N VAL A 119 -28.51 -10.11 4.66
CA VAL A 119 -27.87 -8.80 4.60
C VAL A 119 -28.15 -8.00 5.87
N ASP A 120 -29.31 -8.23 6.51
CA ASP A 120 -29.54 -7.58 7.80
C ASP A 120 -28.71 -8.21 8.91
N PHE A 121 -28.47 -9.52 8.83
CA PHE A 121 -27.57 -10.16 9.80
C PHE A 121 -26.16 -9.59 9.67
N CYS A 122 -25.74 -9.30 8.44
CA CYS A 122 -24.42 -8.72 8.21
C CYS A 122 -24.31 -7.34 8.85
N ARG A 123 -25.19 -6.43 8.47
CA ARG A 123 -25.15 -5.05 8.95
C ARG A 123 -25.30 -4.93 10.46
N GLN A 124 -25.58 -6.02 11.16
CA GLN A 124 -25.76 -5.99 12.60
C GLN A 124 -24.66 -6.69 13.38
N HIS A 125 -24.09 -7.77 12.85
CA HIS A 125 -22.99 -8.45 13.51
C HIS A 125 -21.66 -8.17 12.84
N ASN A 126 -21.44 -8.72 11.65
CA ASN A 126 -20.18 -8.55 10.94
C ASN A 126 -20.11 -7.20 10.24
N ALA A 127 -20.78 -6.19 10.80
CA ALA A 127 -20.77 -4.86 10.21
C ALA A 127 -19.42 -4.20 10.44
N LEU A 128 -18.71 -3.92 9.35
CA LEU A 128 -17.41 -3.26 9.42
C LEU A 128 -17.54 -1.87 8.81
N PRO A 129 -17.56 -0.81 9.62
CA PRO A 129 -17.75 0.53 9.07
C PRO A 129 -16.55 1.00 8.28
N GLY A 130 -16.82 1.89 7.32
CA GLY A 130 -15.77 2.47 6.51
C GLY A 130 -15.07 1.51 5.55
N THR A 131 -15.54 0.27 5.45
CA THR A 131 -14.91 -0.70 4.57
C THR A 131 -15.96 -1.53 3.83
N ILE A 132 -16.76 -2.28 4.58
CA ILE A 132 -17.75 -3.19 4.01
C ILE A 132 -19.10 -2.51 4.02
N THR A 133 -19.79 -2.54 2.87
CA THR A 133 -21.15 -2.02 2.73
C THR A 133 -22.03 -3.19 2.27
N TYR A 134 -22.82 -3.74 3.17
CA TYR A 134 -23.65 -4.88 2.86
C TYR A 134 -24.94 -4.43 2.17
N GLU A 135 -25.21 -5.02 0.99
CA GLU A 135 -26.35 -4.59 0.20
C GLU A 135 -27.11 -5.81 -0.32
N LEU A 136 -28.23 -5.54 -0.97
CA LEU A 136 -29.08 -6.58 -1.55
C LEU A 136 -28.91 -6.59 -3.06
N LEU A 137 -28.83 -7.78 -3.64
CA LEU A 137 -28.70 -7.92 -5.08
C LEU A 137 -28.93 -9.37 -5.47
N ASP A 138 -29.58 -9.58 -6.62
CA ASP A 138 -29.69 -10.87 -7.26
C ASP A 138 -28.70 -10.90 -8.42
N VAL A 139 -27.82 -11.89 -8.42
CA VAL A 139 -26.72 -11.92 -9.40
C VAL A 139 -27.25 -12.07 -10.82
N VAL A 140 -28.48 -12.54 -11.00
CA VAL A 140 -29.08 -12.65 -12.31
C VAL A 140 -30.23 -11.67 -12.43
N GLU A 141 -30.01 -10.44 -12.00
CA GLU A 141 -31.06 -9.43 -11.99
C GLU A 141 -31.40 -9.01 -13.42
N PRO A 142 -32.68 -8.94 -13.80
CA PRO A 142 -33.02 -8.42 -15.13
C PRO A 142 -32.51 -7.01 -15.37
N ARG A 143 -32.82 -6.09 -14.47
CA ARG A 143 -32.36 -4.71 -14.56
C ARG A 143 -31.26 -4.50 -13.52
N LEU A 144 -30.05 -4.90 -13.89
CA LEU A 144 -28.90 -4.70 -13.00
C LEU A 144 -28.62 -3.22 -12.81
N GLU A 145 -28.76 -2.44 -13.87
CA GLU A 145 -28.37 -1.03 -13.85
C GLU A 145 -29.24 -0.18 -12.93
N ASP A 146 -30.30 -0.74 -12.36
CA ASP A 146 -31.18 -0.01 -11.46
C ASP A 146 -30.93 -0.34 -9.99
N THR A 147 -29.87 -1.07 -9.68
CA THR A 147 -29.56 -1.47 -8.32
C THR A 147 -28.49 -0.57 -7.71
N VAL A 148 -28.41 -0.60 -6.38
CA VAL A 148 -27.41 0.19 -5.68
C VAL A 148 -26.01 -0.35 -5.95
N VAL A 149 -25.88 -1.67 -6.08
CA VAL A 149 -24.56 -2.29 -6.25
C VAL A 149 -23.94 -1.89 -7.58
N TRP A 150 -24.76 -1.78 -8.63
CA TRP A 150 -24.24 -1.38 -9.93
C TRP A 150 -23.63 0.02 -9.90
N ARG A 151 -24.28 0.94 -9.19
CA ARG A 151 -23.83 2.32 -9.17
C ARG A 151 -22.72 2.56 -8.16
N ASN A 152 -22.44 1.59 -7.29
CA ASN A 152 -21.20 1.63 -6.51
C ASN A 152 -19.99 1.24 -7.35
N GLY A 153 -20.21 0.63 -8.51
CA GLY A 153 -19.14 0.18 -9.36
C GLY A 153 -18.50 1.30 -10.14
N PRO A 154 -17.64 0.94 -11.10
CA PRO A 154 -17.24 -0.42 -11.49
C PRO A 154 -16.28 -1.02 -10.48
N PHE A 155 -16.15 -2.34 -10.44
CA PHE A 155 -15.37 -3.02 -9.41
C PHE A 155 -14.08 -3.58 -10.01
N GLY A 156 -13.01 -3.52 -9.22
CA GLY A 156 -11.74 -4.09 -9.61
C GLY A 156 -11.75 -5.60 -9.52
N LYS A 157 -12.18 -6.14 -8.37
CA LYS A 157 -12.26 -7.57 -8.16
C LYS A 157 -13.65 -7.95 -7.68
N VAL A 158 -14.08 -9.14 -8.06
CA VAL A 158 -15.39 -9.67 -7.67
C VAL A 158 -15.19 -11.10 -7.20
N PHE A 159 -15.47 -11.34 -5.92
CA PHE A 159 -15.38 -12.67 -5.32
C PHE A 159 -16.77 -13.30 -5.30
N CYS A 160 -16.94 -14.40 -6.03
CA CYS A 160 -18.17 -15.17 -6.03
C CYS A 160 -17.85 -16.53 -5.45
N MET A 161 -18.21 -16.74 -4.18
CA MET A 161 -17.85 -17.96 -3.49
C MET A 161 -18.89 -19.05 -3.70
N LEU A 162 -19.18 -19.83 -2.66
CA LEU A 162 -20.05 -21.00 -2.78
C LEU A 162 -21.51 -20.59 -2.97
N MET A 163 -21.82 -19.95 -4.09
CA MET A 163 -23.18 -19.52 -4.39
C MET A 163 -23.60 -19.74 -5.84
N LEU A 164 -22.68 -19.98 -6.76
CA LEU A 164 -23.04 -20.14 -8.16
C LEU A 164 -23.79 -21.44 -8.43
N HIS A 165 -23.79 -22.38 -7.48
CA HIS A 165 -24.60 -23.59 -7.62
C HIS A 165 -26.06 -23.34 -7.28
N LEU A 166 -26.35 -22.26 -6.56
CA LEU A 166 -27.72 -21.82 -6.31
C LEU A 166 -28.28 -20.98 -7.46
N VAL A 167 -27.54 -20.85 -8.56
CA VAL A 167 -27.98 -20.05 -9.71
C VAL A 167 -28.19 -20.98 -10.89
N PRO A 168 -29.43 -21.24 -11.31
CA PRO A 168 -29.64 -22.14 -12.46
C PRO A 168 -29.04 -21.61 -13.75
N ASP A 169 -29.11 -20.30 -13.98
CA ASP A 169 -28.60 -19.67 -15.20
C ASP A 169 -27.21 -19.14 -14.90
N ASN A 170 -26.20 -19.98 -15.15
CA ASN A 170 -24.82 -19.60 -14.84
C ASN A 170 -24.31 -18.55 -15.81
N ARG A 171 -24.60 -18.71 -17.10
CA ARG A 171 -24.06 -17.79 -18.09
C ARG A 171 -24.59 -16.38 -17.90
N LEU A 172 -25.85 -16.24 -17.48
CA LEU A 172 -26.38 -14.91 -17.18
C LEU A 172 -25.66 -14.30 -15.98
N ALA A 173 -25.26 -15.12 -15.01
CA ALA A 173 -24.55 -14.60 -13.86
C ALA A 173 -23.12 -14.20 -14.21
N VAL A 174 -22.47 -14.96 -15.11
CA VAL A 174 -21.13 -14.59 -15.56
C VAL A 174 -21.19 -13.31 -16.39
N LYS A 175 -22.27 -13.11 -17.16
CA LYS A 175 -22.44 -11.86 -17.91
C LYS A 175 -22.49 -10.66 -16.97
N ASN A 176 -23.40 -10.71 -15.98
CA ASN A 176 -23.55 -9.58 -15.08
C ASN A 176 -22.29 -9.31 -14.27
N ILE A 177 -21.53 -10.35 -13.94
CA ILE A 177 -20.22 -10.15 -13.33
C ILE A 177 -19.27 -9.50 -14.33
N HIS A 178 -19.39 -9.85 -15.61
CA HIS A 178 -18.56 -9.22 -16.64
C HIS A 178 -18.91 -7.75 -16.83
N LYS A 179 -20.17 -7.38 -16.64
CA LYS A 179 -20.54 -5.97 -16.69
C LYS A 179 -19.96 -5.18 -15.53
N LEU A 180 -19.85 -5.82 -14.36
CA LEU A 180 -19.44 -5.12 -13.14
C LEU A 180 -17.94 -4.90 -13.04
N LEU A 181 -17.15 -5.63 -13.82
CA LEU A 181 -15.70 -5.56 -13.72
C LEU A 181 -15.14 -4.51 -14.66
N VAL A 182 -14.10 -3.83 -14.21
CA VAL A 182 -13.32 -2.95 -15.08
C VAL A 182 -12.53 -3.82 -16.03
N PRO A 183 -12.24 -3.37 -17.26
CA PRO A 183 -11.38 -4.14 -18.15
C PRO A 183 -10.03 -4.40 -17.48
N GLY A 184 -9.69 -5.69 -17.35
CA GLY A 184 -8.53 -6.12 -16.60
C GLY A 184 -8.84 -6.55 -15.19
N GLY A 185 -10.06 -6.34 -14.71
CA GLY A 185 -10.42 -6.79 -13.38
C GLY A 185 -10.58 -8.29 -13.33
N GLU A 186 -10.39 -8.84 -12.13
CA GLU A 186 -10.37 -10.28 -11.93
C GLU A 186 -11.61 -10.75 -11.18
N ALA A 187 -11.96 -12.01 -11.40
CA ALA A 187 -13.07 -12.65 -10.73
C ALA A 187 -12.59 -13.96 -10.11
N VAL A 188 -13.02 -14.23 -8.88
CA VAL A 188 -12.62 -15.42 -8.13
C VAL A 188 -13.86 -16.25 -7.88
N PHE A 189 -13.91 -17.44 -8.47
CA PHE A 189 -15.05 -18.34 -8.34
C PHE A 189 -14.74 -19.48 -7.39
N SER A 190 -15.73 -19.86 -6.59
CA SER A 190 -15.66 -21.04 -5.72
C SER A 190 -16.93 -21.86 -5.96
N VAL A 191 -17.07 -22.38 -7.16
CA VAL A 191 -18.28 -23.09 -7.58
C VAL A 191 -18.25 -24.51 -7.05
N ILE A 192 -19.38 -24.98 -6.54
CA ILE A 192 -19.55 -26.36 -6.12
C ILE A 192 -19.96 -27.18 -7.34
N ALA A 193 -19.06 -28.05 -7.80
CA ALA A 193 -19.33 -28.89 -8.96
C ALA A 193 -20.49 -29.85 -8.68
N ASN A 194 -20.28 -30.78 -7.75
CA ASN A 194 -21.29 -31.76 -7.41
C ASN A 194 -21.23 -32.04 -5.91
N MET A 195 -22.34 -32.54 -5.38
CA MET A 195 -22.41 -32.93 -3.98
C MET A 195 -23.62 -33.84 -3.80
N ALA A 196 -23.61 -34.58 -2.70
CA ALA A 196 -24.70 -35.52 -2.43
C ALA A 196 -26.00 -34.81 -2.06
N LEU A 197 -25.94 -33.54 -1.65
CA LEU A 197 -27.17 -32.81 -1.38
C LEU A 197 -28.02 -32.68 -2.64
N CYS A 198 -27.38 -32.55 -3.81
CA CYS A 198 -28.12 -32.40 -5.06
C CYS A 198 -28.81 -33.71 -5.46
N ASP A 199 -28.12 -34.84 -5.32
CA ASP A 199 -28.73 -36.11 -5.67
C ASP A 199 -29.86 -36.47 -4.70
N ALA A 200 -29.70 -36.12 -3.42
CA ALA A 200 -30.78 -36.32 -2.47
C ALA A 200 -32.01 -35.51 -2.85
N TYR A 201 -31.82 -34.37 -3.52
CA TYR A 201 -32.95 -33.61 -4.03
C TYR A 201 -33.63 -34.35 -5.18
N GLU A 202 -32.83 -34.89 -6.11
CA GLU A 202 -33.41 -35.56 -7.27
C GLU A 202 -34.10 -36.86 -6.89
N GLU A 203 -33.62 -37.53 -5.84
CA GLU A 203 -34.28 -38.76 -5.40
C GLU A 203 -35.60 -38.45 -4.70
N MET A 204 -35.63 -37.39 -3.90
CA MET A 204 -36.87 -37.01 -3.22
C MET A 204 -37.91 -36.48 -4.20
N ALA A 205 -37.46 -35.94 -5.34
CA ALA A 205 -38.39 -35.40 -6.33
C ALA A 205 -39.25 -36.48 -6.97
N LYS A 206 -38.85 -37.74 -6.87
CA LYS A 206 -39.63 -38.85 -7.42
C LYS A 206 -40.70 -39.37 -6.47
N GLU A 207 -40.68 -38.94 -5.22
CA GLU A 207 -41.70 -39.36 -4.26
C GLU A 207 -43.01 -38.64 -4.57
N PRO A 208 -44.10 -39.35 -4.85
CA PRO A 208 -45.40 -38.67 -4.99
C PRO A 208 -45.78 -37.88 -3.75
N ARG A 209 -45.31 -38.33 -2.58
CA ARG A 209 -45.43 -37.57 -1.34
C ARG A 209 -44.98 -36.13 -1.51
N TRP A 210 -43.87 -35.92 -2.23
CA TRP A 210 -43.35 -34.57 -2.43
C TRP A 210 -43.68 -34.07 -3.82
N ALA A 211 -42.88 -34.48 -4.82
CA ALA A 211 -43.14 -34.27 -6.24
C ALA A 211 -43.77 -32.93 -6.60
N LEU A 212 -44.99 -32.68 -6.10
CA LEU A 212 -45.71 -31.46 -6.42
C LEU A 212 -44.88 -30.22 -6.13
N TYR A 213 -44.20 -30.19 -4.99
CA TYR A 213 -43.33 -29.06 -4.66
C TYR A 213 -41.99 -29.10 -5.40
N MET A 214 -41.62 -30.24 -5.97
CA MET A 214 -40.29 -30.42 -6.56
C MET A 214 -40.35 -30.64 -8.05
N GLN A 215 -41.32 -30.00 -8.72
CA GLN A 215 -41.42 -30.09 -10.18
C GLN A 215 -40.23 -29.44 -10.87
N ASP A 216 -39.55 -28.51 -10.21
CA ASP A 216 -38.41 -27.81 -10.80
C ASP A 216 -37.12 -28.22 -10.08
N VAL A 217 -36.92 -29.53 -9.92
CA VAL A 217 -35.79 -30.02 -9.14
C VAL A 217 -34.47 -29.70 -9.84
N GLU A 218 -34.43 -29.74 -11.17
CA GLU A 218 -33.20 -29.46 -11.88
C GLU A 218 -32.72 -28.02 -11.71
N LYS A 219 -33.63 -27.09 -11.40
CA LYS A 219 -33.23 -25.72 -11.12
C LYS A 219 -32.77 -25.52 -9.68
N PHE A 220 -32.92 -26.52 -8.82
CA PHE A 220 -32.34 -26.49 -7.49
C PHE A 220 -31.07 -27.34 -7.39
N VAL A 221 -30.55 -27.80 -8.53
CA VAL A 221 -29.35 -28.63 -8.58
C VAL A 221 -28.27 -27.87 -9.34
N SER A 222 -27.04 -27.99 -8.88
CA SER A 222 -25.92 -27.36 -9.57
C SER A 222 -25.86 -27.81 -11.03
N PRO A 223 -25.64 -26.89 -11.97
CA PRO A 223 -25.59 -27.30 -13.38
C PRO A 223 -24.42 -28.21 -13.70
N TYR A 224 -23.36 -28.19 -12.89
CA TYR A 224 -22.21 -29.07 -13.06
C TYR A 224 -22.33 -30.35 -12.24
N GLN A 225 -23.54 -30.70 -11.81
CA GLN A 225 -23.73 -31.91 -11.01
C GLN A 225 -23.46 -33.15 -11.85
N HIS A 226 -24.15 -33.30 -12.97
CA HIS A 226 -24.00 -34.45 -13.84
C HIS A 226 -22.96 -34.24 -14.93
N SER A 227 -22.16 -33.17 -14.84
CA SER A 227 -21.15 -32.91 -15.85
C SER A 227 -20.01 -33.91 -15.74
N GLU A 228 -19.59 -34.46 -16.88
CA GLU A 228 -18.47 -35.40 -16.89
C GLU A 228 -17.12 -34.69 -16.77
N ASP A 229 -17.07 -33.38 -17.02
CA ASP A 229 -15.84 -32.61 -16.88
C ASP A 229 -16.21 -31.21 -16.42
N PRO A 230 -16.33 -31.00 -15.11
CA PRO A 230 -16.76 -29.68 -14.62
C PRO A 230 -15.76 -28.57 -14.89
N VAL A 231 -14.46 -28.84 -14.72
CA VAL A 231 -13.45 -27.81 -14.94
C VAL A 231 -13.45 -27.35 -16.40
N GLY A 232 -13.67 -28.29 -17.32
CA GLY A 232 -13.69 -27.92 -18.72
C GLY A 232 -14.88 -27.05 -19.09
N GLU A 233 -16.07 -27.44 -18.60
CA GLU A 233 -17.27 -26.67 -18.92
C GLU A 233 -17.24 -25.28 -18.28
N PHE A 234 -16.69 -25.17 -17.07
CA PHE A 234 -16.60 -23.86 -16.44
C PHE A 234 -15.51 -23.00 -17.06
N ARG A 235 -14.41 -23.61 -17.50
CA ARG A 235 -13.40 -22.86 -18.23
C ARG A 235 -13.93 -22.40 -19.58
N LEU A 236 -14.76 -23.24 -20.23
CA LEU A 236 -15.35 -22.84 -21.51
C LEU A 236 -16.39 -21.75 -21.31
N LEU A 237 -17.17 -21.82 -20.22
CA LEU A 237 -18.20 -20.81 -19.99
C LEU A 237 -17.59 -19.44 -19.73
N LEU A 238 -16.52 -19.38 -18.92
CA LEU A 238 -15.89 -18.11 -18.62
C LEU A 238 -15.28 -17.49 -19.87
N GLU A 239 -14.55 -18.30 -20.65
CA GLU A 239 -13.92 -17.78 -21.87
C GLU A 239 -14.96 -17.42 -22.92
N SER A 240 -16.14 -18.04 -22.87
CA SER A 240 -17.22 -17.69 -23.78
C SER A 240 -17.90 -16.38 -23.41
N GLU A 241 -17.44 -15.70 -22.36
CA GLU A 241 -17.99 -14.42 -21.94
C GLU A 241 -16.94 -13.32 -21.89
N GLY A 242 -15.79 -13.53 -22.52
CA GLY A 242 -14.74 -12.53 -22.55
C GLY A 242 -13.79 -12.56 -21.37
N PHE A 243 -13.57 -13.72 -20.78
CA PHE A 243 -12.70 -13.86 -19.61
C PHE A 243 -11.45 -14.65 -19.96
N GLN A 244 -10.36 -14.34 -19.26
CA GLN A 244 -9.11 -15.08 -19.38
C GLN A 244 -8.99 -15.97 -18.13
N VAL A 245 -9.24 -17.26 -18.31
CA VAL A 245 -9.16 -18.21 -17.21
C VAL A 245 -7.70 -18.44 -16.85
N LEU A 246 -7.26 -17.84 -15.74
CA LEU A 246 -5.87 -17.97 -15.32
C LEU A 246 -5.60 -19.26 -14.58
N ARG A 247 -6.60 -19.81 -13.89
CA ARG A 247 -6.40 -20.99 -13.06
C ARG A 247 -7.76 -21.59 -12.73
N CYS A 248 -7.87 -22.91 -12.84
CA CYS A 248 -9.16 -23.58 -12.66
C CYS A 248 -8.90 -25.02 -12.23
N ASP A 249 -9.24 -25.35 -11.00
CA ASP A 249 -8.99 -26.68 -10.45
C ASP A 249 -10.22 -27.17 -9.70
N LEU A 250 -10.26 -28.47 -9.46
CA LEU A 250 -11.36 -29.13 -8.77
C LEU A 250 -10.82 -30.03 -7.67
N GLY A 251 -11.41 -29.95 -6.48
CA GLY A 251 -11.00 -30.76 -5.36
C GLY A 251 -12.10 -30.97 -4.36
N PRO A 252 -11.95 -31.98 -3.50
CA PRO A 252 -12.95 -32.24 -2.46
C PRO A 252 -12.72 -31.36 -1.24
N GLN A 253 -13.80 -31.14 -0.49
CA GLN A 253 -13.78 -30.32 0.70
C GLN A 253 -14.62 -30.97 1.80
N LYS A 254 -14.24 -30.71 3.05
CA LYS A 254 -15.00 -31.12 4.21
C LYS A 254 -15.39 -29.88 5.01
N VAL A 255 -16.58 -29.91 5.60
CA VAL A 255 -17.07 -28.85 6.46
C VAL A 255 -17.19 -29.42 7.86
N PHE A 256 -16.35 -28.94 8.78
CA PHE A 256 -16.26 -29.49 10.12
C PHE A 256 -17.31 -28.88 11.03
N PHE A 257 -17.88 -29.72 11.90
CA PHE A 257 -18.79 -29.27 12.94
C PHE A 257 -18.42 -29.98 14.24
N PRO A 258 -18.21 -29.24 15.33
CA PRO A 258 -17.75 -29.90 16.56
C PRO A 258 -18.85 -30.70 17.26
N THR A 259 -20.08 -30.20 17.25
CA THR A 259 -21.18 -30.85 17.93
C THR A 259 -22.07 -31.59 16.94
N ALA A 260 -23.01 -32.37 17.49
CA ALA A 260 -23.92 -33.13 16.64
C ALA A 260 -25.04 -32.27 16.08
N GLU A 261 -25.63 -31.41 16.91
CA GLU A 261 -26.80 -30.65 16.48
C GLU A 261 -26.44 -29.49 15.56
N THR A 262 -25.28 -28.85 15.76
CA THR A 262 -24.85 -27.82 14.82
C THR A 262 -24.56 -28.40 13.44
N HIS A 263 -24.23 -29.68 13.35
CA HIS A 263 -24.22 -30.36 12.06
C HIS A 263 -25.63 -30.48 11.50
N ARG A 264 -26.61 -30.74 12.37
CA ARG A 264 -27.99 -30.86 11.94
C ARG A 264 -28.62 -29.50 11.68
N GLU A 265 -28.43 -28.55 12.61
CA GLU A 265 -29.05 -27.24 12.47
C GLU A 265 -28.51 -26.48 11.26
N PHE A 266 -27.24 -26.69 10.91
CA PHE A 266 -26.70 -26.05 9.71
C PHE A 266 -27.37 -26.58 8.45
N LEU A 267 -27.63 -27.89 8.40
CA LEU A 267 -28.27 -28.46 7.23
C LEU A 267 -29.72 -28.01 7.08
N LYS A 268 -30.34 -27.53 8.16
CA LYS A 268 -31.66 -26.92 8.05
C LYS A 268 -31.62 -25.68 7.15
N SER A 269 -30.55 -24.89 7.27
CA SER A 269 -30.49 -23.62 6.55
C SER A 269 -30.24 -23.82 5.06
N VAL A 270 -29.36 -24.76 4.70
CA VAL A 270 -28.96 -24.93 3.31
C VAL A 270 -29.94 -25.84 2.57
N CYS A 271 -31.05 -26.17 3.21
CA CYS A 271 -32.11 -26.95 2.58
C CYS A 271 -33.02 -25.99 1.82
N ALA A 272 -32.93 -26.00 0.49
CA ALA A 272 -33.55 -24.98 -0.33
C ALA A 272 -35.06 -25.18 -0.52
N PHE A 273 -35.59 -26.37 -0.22
CA PHE A 273 -36.99 -26.66 -0.47
C PHE A 273 -37.89 -26.45 0.75
N LEU A 274 -37.32 -26.22 1.93
CA LEU A 274 -38.13 -26.15 3.14
C LEU A 274 -39.09 -24.97 3.15
N TYR A 275 -38.81 -23.91 2.40
CA TYR A 275 -39.71 -22.76 2.38
C TYR A 275 -41.01 -23.05 1.63
N ARG A 276 -41.08 -24.15 0.88
CA ARG A 276 -42.29 -24.51 0.16
C ARG A 276 -43.18 -25.48 0.92
N ILE A 277 -42.63 -26.17 1.92
CA ILE A 277 -43.34 -27.25 2.59
C ILE A 277 -44.12 -26.72 3.79
N PRO A 278 -45.38 -27.09 3.96
CA PRO A 278 -46.11 -26.71 5.17
C PRO A 278 -45.51 -27.37 6.41
N GLU A 279 -45.95 -26.90 7.58
CA GLU A 279 -45.31 -27.27 8.83
C GLU A 279 -45.46 -28.74 9.14
N GLU A 280 -46.64 -29.32 8.90
CA GLU A 280 -46.86 -30.71 9.25
C GLU A 280 -45.94 -31.66 8.49
N GLN A 281 -45.32 -31.19 7.41
CA GLN A 281 -44.38 -32.01 6.64
C GLN A 281 -42.99 -31.40 6.55
N LYS A 282 -42.77 -30.22 7.13
CA LYS A 282 -41.43 -29.63 7.16
C LYS A 282 -40.45 -30.56 7.86
N ASP A 283 -40.75 -30.93 9.11
CA ASP A 283 -39.87 -31.82 9.86
C ASP A 283 -39.75 -33.19 9.21
N ASP A 284 -40.68 -33.54 8.33
CA ASP A 284 -40.61 -34.80 7.60
C ASP A 284 -39.76 -34.69 6.33
N PHE A 285 -39.84 -33.55 5.64
CA PHE A 285 -38.95 -33.31 4.51
C PHE A 285 -37.50 -33.30 4.95
N PHE A 286 -37.22 -32.84 6.18
CA PHE A 286 -35.86 -32.78 6.67
C PHE A 286 -35.31 -34.18 6.96
N ASP A 287 -36.06 -34.97 7.73
CA ASP A 287 -35.60 -36.33 8.06
C ASP A 287 -35.50 -37.19 6.81
N ASP A 288 -36.46 -37.04 5.88
CA ASP A 288 -36.34 -37.70 4.59
C ASP A 288 -35.07 -37.27 3.87
N TRP A 289 -34.72 -35.99 3.98
CA TRP A 289 -33.51 -35.48 3.35
C TRP A 289 -32.26 -36.00 4.05
N LEU A 290 -32.20 -35.86 5.38
CA LEU A 290 -31.00 -36.24 6.12
C LEU A 290 -30.72 -37.73 5.99
N GLN A 291 -31.76 -38.56 5.99
CA GLN A 291 -31.57 -40.00 5.83
C GLN A 291 -30.96 -40.31 4.46
N ARG A 292 -31.46 -39.67 3.41
CA ARG A 292 -30.93 -39.87 2.07
C ARG A 292 -29.52 -39.31 1.89
N LEU A 293 -28.99 -38.63 2.89
CA LEU A 293 -27.65 -38.05 2.79
C LEU A 293 -26.57 -39.05 3.17
N GLU A 294 -26.70 -39.69 4.33
CA GLU A 294 -25.74 -40.73 4.70
C GLU A 294 -25.88 -41.96 3.81
N LYS A 295 -27.03 -42.16 3.17
CA LYS A 295 -27.13 -43.12 2.08
C LYS A 295 -26.16 -42.76 0.96
N LEU A 296 -26.23 -41.52 0.48
CA LEU A 296 -25.34 -41.02 -0.55
C LEU A 296 -23.97 -40.61 -0.01
N LYS A 297 -23.78 -40.69 1.32
CA LYS A 297 -22.48 -40.46 1.95
C LYS A 297 -21.94 -39.07 1.66
N GLY A 298 -22.81 -38.06 1.75
CA GLY A 298 -22.39 -36.68 1.63
C GLY A 298 -22.00 -36.11 2.97
N THR A 299 -22.65 -36.60 4.02
CA THR A 299 -22.29 -36.30 5.40
C THR A 299 -21.62 -37.51 6.02
N SER A 300 -20.83 -37.26 7.07
CA SER A 300 -20.11 -38.34 7.73
C SER A 300 -19.80 -37.92 9.16
N GLN A 301 -19.39 -38.89 9.97
CA GLN A 301 -19.03 -38.67 11.36
C GLN A 301 -17.72 -39.38 11.65
N GLY A 302 -16.82 -38.70 12.35
CA GLY A 302 -15.51 -39.26 12.64
C GLY A 302 -15.14 -39.22 14.11
N VAL A 303 -13.84 -39.36 14.39
CA VAL A 303 -13.32 -39.34 15.75
C VAL A 303 -12.18 -38.35 15.82
N GLY A 304 -11.96 -37.80 17.01
CA GLY A 304 -10.94 -36.79 17.19
C GLY A 304 -9.73 -37.28 17.97
N ARG A 305 -8.63 -36.53 17.91
CA ARG A 305 -7.44 -36.89 18.68
C ARG A 305 -7.72 -36.84 20.18
N ASN A 306 -8.58 -35.92 20.61
CA ASN A 306 -9.02 -35.88 22.01
C ASN A 306 -10.13 -36.89 22.29
N GLY A 307 -10.59 -37.62 21.28
CA GLY A 307 -11.63 -38.62 21.45
C GLY A 307 -13.04 -38.13 21.17
N GLU A 308 -13.23 -36.83 20.95
CA GLU A 308 -14.56 -36.29 20.73
C GLU A 308 -15.06 -36.63 19.33
N ALA A 309 -16.37 -36.51 19.15
CA ALA A 309 -17.01 -36.84 17.88
C ALA A 309 -16.91 -35.68 16.91
N GLU A 310 -16.57 -36.00 15.67
CA GLU A 310 -16.42 -35.01 14.60
C GLU A 310 -17.46 -35.26 13.52
N TYR A 311 -18.03 -34.18 12.99
CA TYR A 311 -19.08 -34.26 11.99
C TYR A 311 -18.67 -33.47 10.76
N TYR A 312 -18.99 -34.00 9.58
CA TYR A 312 -18.47 -33.47 8.34
C TYR A 312 -19.56 -33.35 7.29
N ILE A 313 -19.27 -32.55 6.27
CA ILE A 313 -20.09 -32.44 5.06
C ILE A 313 -19.14 -32.44 3.87
N HIS A 314 -19.35 -33.38 2.94
CA HIS A 314 -18.44 -33.57 1.82
C HIS A 314 -19.05 -33.04 0.53
N LEU A 315 -18.19 -32.46 -0.31
CA LEU A 315 -18.61 -31.82 -1.55
C LEU A 315 -17.41 -31.41 -2.40
N SER A 316 -17.58 -31.31 -3.72
CA SER A 316 -16.51 -30.93 -4.62
C SER A 316 -16.61 -29.46 -4.98
N VAL A 317 -15.45 -28.79 -5.05
CA VAL A 317 -15.40 -27.35 -5.28
C VAL A 317 -14.52 -27.08 -6.50
N ILE A 318 -15.04 -26.29 -7.43
CA ILE A 318 -14.23 -25.73 -8.51
C ILE A 318 -13.74 -24.36 -8.07
N THR A 319 -12.44 -24.15 -8.11
CA THR A 319 -11.83 -22.86 -7.81
C THR A 319 -11.32 -22.25 -9.10
N ALA A 320 -11.65 -20.97 -9.33
CA ALA A 320 -11.34 -20.33 -10.58
C ALA A 320 -10.78 -18.93 -10.34
N LEU A 321 -10.02 -18.45 -11.32
CA LEU A 321 -9.47 -17.11 -11.32
C LEU A 321 -9.49 -16.60 -12.76
N ALA A 322 -10.32 -15.60 -13.03
CA ALA A 322 -10.53 -15.08 -14.37
C ALA A 322 -10.09 -13.61 -14.43
N ARG A 323 -10.21 -13.03 -15.63
CA ARG A 323 -9.87 -11.63 -15.83
C ARG A 323 -10.61 -11.12 -17.07
N LYS A 324 -11.25 -9.96 -16.94
CA LYS A 324 -11.98 -9.36 -18.04
C LYS A 324 -11.02 -8.71 -19.03
N PHE A 325 -11.38 -8.77 -20.31
CA PHE A 325 -10.58 -8.14 -21.35
C PHE A 325 -10.96 -6.67 -21.54
N GLU B 42 25.52 4.62 -27.97
CA GLU B 42 25.17 3.52 -28.87
C GLU B 42 26.43 2.77 -29.32
N ALA B 43 26.22 1.61 -29.93
CA ALA B 43 27.30 0.77 -30.48
C ALA B 43 28.31 0.43 -29.39
N TYR B 44 29.50 1.02 -29.49
CA TYR B 44 30.53 0.81 -28.47
C TYR B 44 30.09 1.51 -27.19
N ARG B 45 29.65 0.73 -26.20
CA ARG B 45 29.02 1.25 -24.99
C ARG B 45 27.77 2.06 -25.42
N GLY B 46 27.32 2.99 -24.58
CA GLY B 46 26.13 3.77 -24.91
C GLY B 46 26.42 5.24 -25.07
N ILE B 47 25.89 6.07 -24.17
CA ILE B 47 26.08 7.51 -24.21
C ILE B 47 27.14 7.85 -23.17
N ASP B 48 28.37 8.08 -23.61
CA ASP B 48 29.40 8.55 -22.72
C ASP B 48 29.16 10.02 -22.37
N LYS B 49 30.03 10.57 -21.53
CA LYS B 49 29.87 11.92 -20.99
C LYS B 49 28.49 12.07 -20.36
N PRO B 50 28.25 11.43 -19.21
CA PRO B 50 26.94 11.59 -18.55
C PRO B 50 26.72 12.99 -18.02
N HIS B 51 27.78 13.76 -17.79
CA HIS B 51 27.63 15.13 -17.32
C HIS B 51 26.84 15.97 -18.30
N LEU B 52 27.08 15.77 -19.60
CA LEU B 52 26.41 16.53 -20.64
C LEU B 52 24.97 16.09 -20.88
N TYR B 53 24.54 14.97 -20.28
CA TYR B 53 23.19 14.49 -20.50
C TYR B 53 22.21 14.96 -19.43
N THR B 54 22.66 15.12 -18.18
CA THR B 54 21.80 15.67 -17.14
C THR B 54 21.40 17.11 -17.41
N LEU B 55 21.92 17.73 -18.45
CA LEU B 55 21.44 19.04 -18.86
C LEU B 55 19.99 18.98 -19.34
N GLY B 56 19.53 17.81 -19.78
CA GLY B 56 18.15 17.65 -20.18
C GLY B 56 17.33 17.01 -19.09
N CYS B 57 17.83 17.05 -17.86
CA CYS B 57 17.08 16.53 -16.72
C CYS B 57 15.73 17.22 -16.59
N CYS B 58 15.74 18.56 -16.50
CA CYS B 58 14.53 19.31 -16.20
C CYS B 58 13.39 18.97 -17.15
N SER B 59 13.72 18.77 -18.43
CA SER B 59 12.71 18.50 -19.44
C SER B 59 12.38 17.01 -19.56
N LEU B 60 13.41 16.17 -19.67
CA LEU B 60 13.15 14.73 -19.83
C LEU B 60 12.50 14.13 -18.59
N THR B 61 12.80 14.65 -17.41
CA THR B 61 12.13 14.19 -16.20
C THR B 61 10.63 14.42 -16.28
N ALA B 62 10.24 15.66 -16.58
CA ALA B 62 8.82 16.00 -16.64
C ALA B 62 8.11 15.31 -17.80
N MET B 63 8.82 15.04 -18.89
CA MET B 63 8.20 14.39 -20.04
C MET B 63 7.81 12.96 -19.72
N ALA B 64 8.75 12.17 -19.20
CA ALA B 64 8.42 10.82 -18.77
C ALA B 64 7.47 10.82 -17.59
N SER B 65 7.59 11.81 -16.70
CA SER B 65 6.64 11.94 -15.59
C SER B 65 5.23 12.20 -16.11
N ALA B 66 5.11 12.81 -17.28
CA ALA B 66 3.78 13.05 -17.84
C ALA B 66 3.29 11.83 -18.61
N GLN B 67 4.19 11.14 -19.33
CA GLN B 67 3.80 9.92 -20.04
C GLN B 67 3.33 8.86 -19.08
N LEU B 68 4.03 8.69 -17.94
CA LEU B 68 3.67 7.66 -16.98
C LEU B 68 2.35 7.97 -16.30
N ASP B 69 2.06 9.26 -16.05
CA ASP B 69 0.80 9.62 -15.39
C ASP B 69 -0.40 9.23 -16.22
N ALA B 70 -0.26 9.18 -17.55
CA ALA B 70 -1.37 8.77 -18.39
C ALA B 70 -1.60 7.27 -18.35
N LEU B 71 -0.54 6.50 -18.04
CA LEU B 71 -0.64 5.05 -18.01
C LEU B 71 -0.74 4.48 -16.61
N TRP B 72 -0.34 5.23 -15.58
CA TRP B 72 -0.14 4.66 -14.26
C TRP B 72 -1.40 4.07 -13.66
N SER B 73 -2.59 4.50 -14.12
CA SER B 73 -3.82 3.89 -13.63
C SER B 73 -4.01 2.49 -14.18
N GLN B 74 -3.53 2.24 -15.40
CA GLN B 74 -3.70 0.93 -16.05
C GLN B 74 -2.70 -0.11 -15.56
N LEU B 75 -1.83 0.24 -14.60
CA LEU B 75 -0.83 -0.70 -14.11
C LEU B 75 -1.35 -1.43 -12.87
N SER B 76 -1.28 -2.76 -12.91
CA SER B 76 -1.71 -3.60 -11.81
C SER B 76 -0.48 -4.16 -11.09
N TRP B 77 -0.52 -4.16 -9.76
CA TRP B 77 0.63 -4.52 -8.97
C TRP B 77 0.33 -5.73 -8.09
N PRO B 78 1.33 -6.56 -7.81
CA PRO B 78 1.12 -7.69 -6.90
C PRO B 78 1.08 -7.24 -5.46
N GLN B 79 0.49 -8.10 -4.61
CA GLN B 79 0.40 -7.84 -3.18
C GLN B 79 1.79 -7.66 -2.58
N THR B 80 2.57 -8.72 -2.53
CA THR B 80 3.97 -8.62 -2.11
C THR B 80 4.78 -8.02 -3.26
N PRO B 81 5.51 -6.93 -3.05
CA PRO B 81 6.18 -6.26 -4.17
C PRO B 81 7.24 -7.14 -4.82
N LEU B 82 7.40 -6.96 -6.12
CA LEU B 82 8.48 -7.56 -6.90
C LEU B 82 9.45 -6.49 -7.36
N PRO B 83 10.69 -6.85 -7.66
CA PRO B 83 11.65 -5.86 -8.17
C PRO B 83 11.23 -5.32 -9.52
N VAL B 84 11.51 -4.04 -9.74
CA VAL B 84 11.15 -3.33 -10.97
C VAL B 84 12.43 -2.91 -11.67
N LEU B 85 12.45 -3.07 -12.99
CA LEU B 85 13.65 -2.83 -13.80
C LEU B 85 13.45 -1.64 -14.72
N ASP B 86 14.48 -0.80 -14.83
CA ASP B 86 14.52 0.30 -15.78
C ASP B 86 15.69 0.06 -16.73
N ILE B 87 15.38 -0.26 -17.98
CA ILE B 87 16.40 -0.55 -18.98
C ILE B 87 16.75 0.75 -19.70
N GLY B 88 18.04 1.02 -19.82
CA GLY B 88 18.50 2.26 -20.42
C GLY B 88 18.07 3.45 -19.59
N CYS B 89 18.47 3.46 -18.31
CA CYS B 89 18.04 4.51 -17.40
C CYS B 89 18.78 5.82 -17.64
N GLY B 90 19.91 5.79 -18.35
CA GLY B 90 20.72 6.96 -18.54
C GLY B 90 21.40 7.37 -17.26
N PRO B 91 21.48 8.67 -17.00
CA PRO B 91 22.12 9.16 -15.77
C PRO B 91 21.32 8.90 -14.51
N GLY B 92 20.19 8.20 -14.61
CA GLY B 92 19.45 7.80 -13.42
C GLY B 92 18.50 8.84 -12.88
N ASP B 93 18.05 9.78 -13.72
CA ASP B 93 17.11 10.79 -13.25
C ASP B 93 15.66 10.33 -13.35
N ILE B 94 15.32 9.62 -14.42
CA ILE B 94 13.99 9.00 -14.49
C ILE B 94 13.86 7.92 -13.43
N ALA B 95 14.94 7.20 -13.17
CA ALA B 95 14.90 6.13 -12.17
C ALA B 95 14.71 6.68 -10.77
N ARG B 96 15.41 7.77 -10.43
CA ARG B 96 15.36 8.31 -9.08
C ARG B 96 14.18 9.26 -8.86
N LYS B 97 13.92 10.16 -9.81
CA LYS B 97 12.96 11.24 -9.59
C LYS B 97 11.56 10.94 -10.11
N VAL B 98 11.41 9.99 -11.04
CA VAL B 98 10.12 9.67 -11.66
C VAL B 98 9.61 8.32 -11.19
N LEU B 99 10.41 7.26 -11.39
CA LEU B 99 9.93 5.91 -11.09
C LEU B 99 9.89 5.66 -9.59
N ALA B 100 11.00 5.93 -8.89
CA ALA B 100 11.10 5.60 -7.48
C ALA B 100 9.99 6.21 -6.61
N PRO B 101 9.60 7.48 -6.78
CA PRO B 101 8.49 7.98 -5.95
C PRO B 101 7.15 7.34 -6.29
N ARG B 102 6.91 6.98 -7.54
CA ARG B 102 5.60 6.50 -7.97
C ARG B 102 5.38 5.02 -7.69
N LEU B 103 6.42 4.29 -7.28
CA LEU B 103 6.28 2.87 -7.04
C LEU B 103 5.51 2.61 -5.74
N PRO B 104 4.91 1.42 -5.60
CA PRO B 104 4.34 1.04 -4.30
C PRO B 104 5.43 0.94 -3.24
N ALA B 105 4.99 0.96 -1.99
CA ALA B 105 5.93 0.88 -0.88
C ALA B 105 6.64 -0.48 -0.87
N GLY B 106 7.91 -0.47 -0.48
CA GLY B 106 8.69 -1.68 -0.44
C GLY B 106 9.09 -2.23 -1.78
N THR B 107 8.79 -1.53 -2.87
CA THR B 107 9.15 -1.98 -4.22
C THR B 107 10.57 -1.55 -4.52
N ARG B 108 11.47 -2.52 -4.68
CA ARG B 108 12.85 -2.23 -5.03
C ARG B 108 12.96 -1.94 -6.52
N LEU B 109 13.94 -1.13 -6.87
CA LEU B 109 14.16 -0.70 -8.25
C LEU B 109 15.56 -1.08 -8.70
N VAL B 110 15.66 -1.55 -9.95
CA VAL B 110 16.93 -1.87 -10.57
C VAL B 110 17.02 -1.09 -11.87
N ALA B 111 18.08 -0.31 -12.03
CA ALA B 111 18.32 0.48 -13.22
C ALA B 111 19.66 0.07 -13.84
N CYS B 112 19.68 -0.09 -15.15
CA CYS B 112 20.88 -0.54 -15.84
C CYS B 112 21.09 0.30 -17.09
N ASP B 113 22.32 0.26 -17.59
CA ASP B 113 22.71 0.97 -18.80
C ASP B 113 23.95 0.30 -19.37
N ILE B 114 24.03 0.20 -20.70
CA ILE B 114 25.20 -0.39 -21.32
C ILE B 114 26.42 0.48 -21.14
N SER B 115 26.24 1.77 -20.87
CA SER B 115 27.35 2.69 -20.71
C SER B 115 27.85 2.65 -19.27
N PRO B 116 29.11 2.30 -19.03
CA PRO B 116 29.64 2.34 -17.64
C PRO B 116 29.76 3.74 -17.10
N GLU B 117 29.80 4.77 -17.96
CA GLU B 117 29.86 6.14 -17.47
C GLU B 117 28.54 6.55 -16.83
N MET B 118 27.42 6.09 -17.39
CA MET B 118 26.12 6.32 -16.75
C MET B 118 26.05 5.66 -15.38
N VAL B 119 26.45 4.40 -15.29
CA VAL B 119 26.37 3.67 -14.03
C VAL B 119 27.21 4.33 -12.95
N ASP B 120 28.40 4.82 -13.33
CA ASP B 120 29.25 5.51 -12.36
C ASP B 120 28.63 6.84 -11.94
N PHE B 121 27.96 7.53 -12.85
CA PHE B 121 27.30 8.78 -12.52
C PHE B 121 26.09 8.56 -11.62
N CYS B 122 25.40 7.43 -11.81
CA CYS B 122 24.18 7.17 -11.04
C CYS B 122 24.49 6.92 -9.57
N ARG B 123 25.49 6.09 -9.28
CA ARG B 123 25.77 5.66 -7.92
C ARG B 123 26.25 6.79 -7.02
N GLN B 124 26.55 7.96 -7.56
CA GLN B 124 26.92 9.13 -6.78
C GLN B 124 25.79 10.12 -6.61
N HIS B 125 25.17 10.53 -7.71
CA HIS B 125 24.24 11.66 -7.71
C HIS B 125 22.78 11.26 -7.56
N ASN B 126 22.41 10.04 -7.94
CA ASN B 126 21.05 9.56 -7.72
C ASN B 126 21.07 8.35 -6.79
N ALA B 127 21.81 8.47 -5.68
CA ALA B 127 21.91 7.38 -4.72
C ALA B 127 20.65 7.32 -3.87
N LEU B 128 20.00 6.17 -3.85
CA LEU B 128 18.83 5.93 -2.99
C LEU B 128 19.01 4.57 -2.35
N PRO B 129 19.77 4.49 -1.26
CA PRO B 129 20.06 3.20 -0.65
C PRO B 129 18.78 2.50 -0.16
N GLY B 130 18.78 1.17 -0.27
CA GLY B 130 17.64 0.37 0.11
C GLY B 130 16.55 0.27 -0.94
N THR B 131 16.52 1.18 -1.91
CA THR B 131 15.50 1.17 -2.95
C THR B 131 16.09 0.92 -4.33
N ILE B 132 16.95 1.82 -4.82
CA ILE B 132 17.47 1.76 -6.18
C ILE B 132 18.85 1.14 -6.18
N THR B 133 19.09 0.23 -7.13
CA THR B 133 20.41 -0.32 -7.39
C THR B 133 20.73 -0.15 -8.87
N TYR B 134 21.97 0.23 -9.18
CA TYR B 134 22.39 0.50 -10.54
C TYR B 134 23.35 -0.58 -11.03
N GLU B 135 23.14 -1.04 -12.25
CA GLU B 135 23.89 -2.17 -12.79
C GLU B 135 24.33 -1.87 -14.22
N LEU B 136 25.17 -2.77 -14.75
CA LEU B 136 25.56 -2.77 -16.15
C LEU B 136 24.78 -3.85 -16.88
N LEU B 137 24.21 -3.51 -18.04
CA LEU B 137 23.48 -4.49 -18.82
C LEU B 137 23.27 -3.97 -20.24
N ASP B 138 23.50 -4.85 -21.21
CA ASP B 138 23.11 -4.62 -22.59
C ASP B 138 21.80 -5.36 -22.83
N VAL B 139 20.78 -4.65 -23.30
CA VAL B 139 19.45 -5.23 -23.43
C VAL B 139 19.44 -6.39 -24.42
N VAL B 140 20.43 -6.46 -25.31
CA VAL B 140 20.52 -7.56 -26.26
C VAL B 140 21.74 -8.41 -25.93
N GLU B 141 21.94 -8.68 -24.64
CA GLU B 141 23.09 -9.46 -24.22
C GLU B 141 22.92 -10.92 -24.65
N PRO B 142 23.92 -11.50 -25.30
CA PRO B 142 23.81 -12.94 -25.67
C PRO B 142 23.60 -13.84 -24.47
N ARG B 143 24.45 -13.72 -23.45
CA ARG B 143 24.32 -14.51 -22.23
C ARG B 143 23.67 -13.64 -21.15
N LEU B 144 22.36 -13.48 -21.28
CA LEU B 144 21.62 -12.68 -20.30
C LEU B 144 21.70 -13.30 -18.92
N GLU B 145 21.61 -14.63 -18.85
CA GLU B 145 21.51 -15.34 -17.57
C GLU B 145 22.75 -15.17 -16.70
N ASP B 146 23.86 -14.70 -17.26
CA ASP B 146 25.11 -14.55 -16.52
C ASP B 146 25.31 -13.14 -15.97
N THR B 147 24.30 -12.29 -16.08
CA THR B 147 24.39 -10.90 -15.62
C THR B 147 23.79 -10.76 -14.23
N VAL B 148 24.24 -9.71 -13.53
CA VAL B 148 23.71 -9.42 -12.20
C VAL B 148 22.23 -9.07 -12.27
N VAL B 149 21.81 -8.42 -13.34
CA VAL B 149 20.42 -8.00 -13.47
C VAL B 149 19.49 -9.21 -13.56
N TRP B 150 19.90 -10.24 -14.30
CA TRP B 150 19.04 -11.40 -14.47
C TRP B 150 18.77 -12.10 -13.14
N ARG B 151 19.77 -12.15 -12.27
CA ARG B 151 19.63 -12.87 -11.01
C ARG B 151 19.03 -12.01 -9.91
N ASN B 152 18.87 -10.71 -10.14
CA ASN B 152 18.00 -9.90 -9.29
C ASN B 152 16.52 -10.09 -9.63
N GLY B 153 16.23 -10.73 -10.76
CA GLY B 153 14.86 -10.95 -11.18
C GLY B 153 14.25 -12.17 -10.51
N PRO B 154 13.08 -12.60 -11.02
CA PRO B 154 12.32 -12.04 -12.14
C PRO B 154 11.64 -10.74 -11.76
N PHE B 155 11.31 -9.89 -12.74
CA PHE B 155 10.81 -8.55 -12.46
C PHE B 155 9.33 -8.46 -12.75
N GLY B 156 8.63 -7.65 -11.95
CA GLY B 156 7.21 -7.44 -12.14
C GLY B 156 6.92 -6.51 -13.30
N LYS B 157 7.55 -5.34 -13.28
CA LYS B 157 7.40 -4.36 -14.36
C LYS B 157 8.78 -3.98 -14.88
N VAL B 158 8.83 -3.65 -16.17
CA VAL B 158 10.07 -3.25 -16.84
C VAL B 158 9.78 -1.99 -17.63
N PHE B 159 10.43 -0.89 -17.24
CA PHE B 159 10.31 0.38 -17.96
C PHE B 159 11.46 0.52 -18.95
N CYS B 160 11.11 0.84 -20.19
CA CYS B 160 12.08 1.00 -21.27
C CYS B 160 11.78 2.32 -21.96
N MET B 161 12.53 3.36 -21.60
CA MET B 161 12.25 4.72 -22.03
C MET B 161 13.37 5.22 -22.94
N LEU B 162 13.01 5.53 -24.19
CA LEU B 162 13.90 6.21 -25.14
C LEU B 162 15.24 5.50 -25.27
N MET B 163 15.18 4.27 -25.78
CA MET B 163 16.41 3.49 -25.90
C MET B 163 16.33 2.44 -27.01
N LEU B 164 15.13 1.98 -27.34
CA LEU B 164 15.00 0.98 -28.40
C LEU B 164 15.36 1.54 -29.77
N HIS B 165 15.39 2.86 -29.92
CA HIS B 165 15.87 3.48 -31.15
C HIS B 165 17.40 3.42 -31.27
N LEU B 166 18.09 3.03 -30.20
CA LEU B 166 19.53 2.79 -30.23
C LEU B 166 19.88 1.32 -30.42
N VAL B 167 18.91 0.42 -30.34
CA VAL B 167 19.15 -1.01 -30.44
C VAL B 167 18.73 -1.47 -31.83
N PRO B 168 19.67 -1.80 -32.73
CA PRO B 168 19.27 -2.24 -34.08
C PRO B 168 18.41 -3.49 -34.07
N ASP B 169 18.71 -4.47 -33.22
CA ASP B 169 17.95 -5.71 -33.15
C ASP B 169 16.87 -5.53 -32.08
N ASN B 170 15.71 -5.04 -32.51
CA ASN B 170 14.65 -4.72 -31.56
C ASN B 170 13.89 -5.96 -31.09
N ARG B 171 13.78 -6.98 -31.94
CA ARG B 171 13.08 -8.19 -31.51
C ARG B 171 13.88 -8.94 -30.46
N LEU B 172 15.21 -8.93 -30.57
CA LEU B 172 16.03 -9.57 -29.55
C LEU B 172 15.89 -8.87 -28.20
N ALA B 173 15.73 -7.54 -28.22
CA ALA B 173 15.53 -6.82 -26.98
C ALA B 173 14.17 -7.13 -26.37
N VAL B 174 13.15 -7.30 -27.22
CA VAL B 174 11.83 -7.67 -26.70
C VAL B 174 11.85 -9.09 -26.15
N LYS B 175 12.57 -9.99 -26.82
CA LYS B 175 12.71 -11.35 -26.31
C LYS B 175 13.41 -11.37 -24.96
N ASN B 176 14.46 -10.54 -24.80
CA ASN B 176 15.17 -10.49 -23.54
C ASN B 176 14.35 -9.84 -22.44
N ILE B 177 13.54 -8.83 -22.79
CA ILE B 177 12.60 -8.27 -21.82
C ILE B 177 11.56 -9.31 -21.43
N HIS B 178 11.13 -10.13 -22.41
CA HIS B 178 10.16 -11.17 -22.13
C HIS B 178 10.71 -12.22 -21.16
N LYS B 179 12.01 -12.50 -21.23
CA LYS B 179 12.62 -13.43 -20.30
C LYS B 179 12.64 -12.88 -18.87
N LEU B 180 12.74 -11.56 -18.73
CA LEU B 180 12.90 -10.95 -17.41
C LEU B 180 11.58 -10.77 -16.67
N LEU B 181 10.46 -10.84 -17.37
CA LEU B 181 9.16 -10.56 -16.77
C LEU B 181 8.51 -11.83 -16.23
N VAL B 182 7.79 -11.68 -15.13
CA VAL B 182 6.99 -12.76 -14.56
C VAL B 182 5.74 -12.92 -15.43
N PRO B 183 5.16 -14.10 -15.52
CA PRO B 183 3.89 -14.26 -16.24
C PRO B 183 2.83 -13.32 -15.69
N GLY B 184 2.32 -12.44 -16.55
CA GLY B 184 1.45 -11.37 -16.13
C GLY B 184 2.17 -10.06 -15.88
N GLY B 185 3.49 -10.05 -15.90
CA GLY B 185 4.22 -8.80 -15.75
C GLY B 185 4.03 -7.89 -16.94
N GLU B 186 4.16 -6.60 -16.70
CA GLU B 186 3.86 -5.57 -17.70
C GLU B 186 5.12 -4.82 -18.08
N ALA B 187 5.17 -4.36 -19.33
CA ALA B 187 6.28 -3.60 -19.86
C ALA B 187 5.79 -2.24 -20.34
N VAL B 188 6.58 -1.21 -20.10
CA VAL B 188 6.25 0.16 -20.48
C VAL B 188 7.33 0.63 -21.44
N PHE B 189 6.95 0.88 -22.69
CA PHE B 189 7.87 1.31 -23.73
C PHE B 189 7.69 2.79 -24.03
N SER B 190 8.80 3.46 -24.36
CA SER B 190 8.80 4.83 -24.84
C SER B 190 9.78 4.87 -26.02
N VAL B 191 9.31 4.38 -27.17
CA VAL B 191 10.14 4.19 -28.34
C VAL B 191 10.05 5.42 -29.23
N ILE B 192 11.21 5.90 -29.69
CA ILE B 192 11.24 7.02 -30.63
C ILE B 192 11.03 6.46 -32.04
N ALA B 193 9.89 6.78 -32.65
CA ALA B 193 9.59 6.32 -33.99
C ALA B 193 10.57 6.92 -35.00
N ASN B 194 10.43 8.22 -35.26
CA ASN B 194 11.30 8.92 -36.19
C ASN B 194 11.69 10.27 -35.60
N MET B 195 12.84 10.77 -36.04
CA MET B 195 13.28 12.10 -35.65
C MET B 195 14.29 12.59 -36.69
N ALA B 196 14.53 13.90 -36.67
CA ALA B 196 15.44 14.51 -37.63
C ALA B 196 16.91 14.22 -37.32
N LEU B 197 17.22 13.76 -36.12
CA LEU B 197 18.61 13.38 -35.83
C LEU B 197 19.03 12.20 -36.68
N CYS B 198 18.09 11.31 -37.02
CA CYS B 198 18.40 10.14 -37.83
C CYS B 198 18.61 10.49 -39.30
N ASP B 199 17.73 11.34 -39.85
CA ASP B 199 17.91 11.77 -41.23
C ASP B 199 19.17 12.62 -41.40
N ALA B 200 19.54 13.36 -40.36
CA ALA B 200 20.82 14.08 -40.38
C ALA B 200 21.99 13.10 -40.43
N TYR B 201 21.82 11.92 -39.83
CA TYR B 201 22.86 10.89 -39.92
C TYR B 201 22.95 10.32 -41.32
N GLU B 202 21.79 10.02 -41.94
CA GLU B 202 21.79 9.41 -43.25
C GLU B 202 22.33 10.35 -44.32
N GLU B 203 22.15 11.66 -44.15
CA GLU B 203 22.65 12.62 -45.13
C GLU B 203 24.16 12.79 -45.00
N MET B 204 24.68 12.80 -43.77
CA MET B 204 26.12 12.92 -43.58
C MET B 204 26.86 11.68 -44.06
N ALA B 205 26.19 10.52 -44.05
CA ALA B 205 26.85 9.29 -44.48
C ALA B 205 27.17 9.31 -45.96
N LYS B 206 26.43 10.08 -46.76
CA LYS B 206 26.70 10.20 -48.18
C LYS B 206 27.91 11.09 -48.49
N GLU B 207 28.38 11.84 -47.51
CA GLU B 207 29.54 12.70 -47.73
C GLU B 207 30.81 11.85 -47.78
N PRO B 208 31.61 11.93 -48.83
CA PRO B 208 32.93 11.26 -48.81
C PRO B 208 33.80 11.73 -47.66
N ARG B 209 33.53 12.93 -47.14
CA ARG B 209 34.22 13.45 -45.96
C ARG B 209 34.04 12.52 -44.75
N TRP B 210 32.97 11.73 -44.72
CA TRP B 210 32.66 10.94 -43.53
C TRP B 210 32.45 9.47 -43.83
N ALA B 211 32.08 9.14 -45.06
CA ALA B 211 31.54 7.83 -45.44
C ALA B 211 32.28 6.64 -44.84
N LEU B 212 33.58 6.79 -44.57
CA LEU B 212 34.35 5.71 -43.97
C LEU B 212 33.83 5.37 -42.58
N TYR B 213 33.59 6.39 -41.75
CA TYR B 213 33.10 6.16 -40.40
C TYR B 213 31.64 5.77 -40.36
N MET B 214 30.88 6.02 -41.42
CA MET B 214 29.43 5.89 -41.40
C MET B 214 28.95 4.83 -42.38
N GLN B 215 29.69 3.73 -42.50
CA GLN B 215 29.24 2.63 -43.36
C GLN B 215 28.03 1.93 -42.77
N ASP B 216 27.95 1.83 -41.45
CA ASP B 216 26.83 1.20 -40.75
C ASP B 216 25.84 2.23 -40.24
N VAL B 217 25.41 3.13 -41.11
CA VAL B 217 24.53 4.22 -40.68
C VAL B 217 23.15 3.69 -40.31
N GLU B 218 22.67 2.64 -41.00
CA GLU B 218 21.35 2.12 -40.72
C GLU B 218 21.25 1.51 -39.32
N LYS B 219 22.37 1.08 -38.75
CA LYS B 219 22.36 0.56 -37.38
C LYS B 219 22.39 1.68 -36.34
N PHE B 220 22.68 2.91 -36.73
CA PHE B 220 22.57 4.06 -35.85
C PHE B 220 21.26 4.81 -36.02
N VAL B 221 20.32 4.25 -36.77
CA VAL B 221 19.03 4.87 -37.03
C VAL B 221 17.94 4.01 -36.41
N SER B 222 16.91 4.65 -35.88
CA SER B 222 15.78 3.93 -35.32
C SER B 222 15.15 3.04 -36.39
N PRO B 223 14.78 1.81 -36.06
CA PRO B 223 14.19 0.92 -37.09
C PRO B 223 12.84 1.41 -37.58
N TYR B 224 12.10 2.17 -36.76
CA TYR B 224 10.82 2.73 -37.16
C TYR B 224 10.94 4.10 -37.78
N GLN B 225 12.15 4.48 -38.21
CA GLN B 225 12.35 5.78 -38.85
C GLN B 225 11.57 5.88 -40.16
N HIS B 226 11.85 4.98 -41.09
CA HIS B 226 11.18 4.97 -42.39
C HIS B 226 9.91 4.13 -42.38
N SER B 227 9.39 3.80 -41.20
CA SER B 227 8.16 3.03 -41.10
C SER B 227 6.96 3.89 -41.46
N GLU B 228 6.10 3.38 -42.35
CA GLU B 228 4.87 4.08 -42.68
C GLU B 228 3.81 3.94 -41.61
N ASP B 229 3.95 2.95 -40.73
CA ASP B 229 3.00 2.75 -39.62
C ASP B 229 3.77 2.22 -38.42
N PRO B 230 4.43 3.11 -37.66
CA PRO B 230 5.23 2.64 -36.52
C PRO B 230 4.40 1.96 -35.44
N VAL B 231 3.18 2.45 -35.18
CA VAL B 231 2.32 1.84 -34.16
C VAL B 231 1.95 0.42 -34.56
N GLY B 232 1.67 0.20 -35.84
CA GLY B 232 1.33 -1.14 -36.29
C GLY B 232 2.49 -2.11 -36.20
N GLU B 233 3.70 -1.66 -36.60
CA GLU B 233 4.86 -2.53 -36.54
C GLU B 233 5.23 -2.86 -35.11
N PHE B 234 5.14 -1.88 -34.20
CA PHE B 234 5.52 -2.13 -32.81
C PHE B 234 4.48 -2.99 -32.11
N ARG B 235 3.19 -2.80 -32.42
CA ARG B 235 2.16 -3.65 -31.84
C ARG B 235 2.32 -5.09 -32.32
N LEU B 236 2.69 -5.28 -33.58
CA LEU B 236 2.90 -6.63 -34.09
C LEU B 236 4.15 -7.25 -33.48
N LEU B 237 5.21 -6.47 -33.30
CA LEU B 237 6.46 -7.00 -32.76
C LEU B 237 6.26 -7.49 -31.33
N LEU B 238 5.52 -6.73 -30.51
CA LEU B 238 5.27 -7.15 -29.14
C LEU B 238 4.41 -8.41 -29.10
N GLU B 239 3.34 -8.44 -29.90
CA GLU B 239 2.45 -9.60 -29.90
C GLU B 239 3.13 -10.84 -30.47
N SER B 240 4.10 -10.66 -31.38
CA SER B 240 4.82 -11.79 -31.93
C SER B 240 5.79 -12.42 -30.94
N GLU B 241 6.03 -11.79 -29.80
CA GLU B 241 6.92 -12.32 -28.78
C GLU B 241 6.17 -12.71 -27.50
N GLY B 242 4.85 -12.82 -27.56
CA GLY B 242 4.07 -13.27 -26.42
C GLY B 242 3.65 -12.16 -25.48
N PHE B 243 3.28 -11.00 -26.03
CA PHE B 243 2.84 -9.87 -25.24
C PHE B 243 1.42 -9.48 -25.62
N GLN B 244 0.69 -8.96 -24.63
CA GLN B 244 -0.66 -8.43 -24.85
C GLN B 244 -0.56 -6.91 -24.86
N VAL B 245 -0.68 -6.31 -26.05
CA VAL B 245 -0.58 -4.87 -26.19
C VAL B 245 -1.83 -4.23 -25.62
N LEU B 246 -1.73 -3.60 -24.45
CA LEU B 246 -2.88 -2.97 -23.82
C LEU B 246 -3.14 -1.57 -24.37
N ARG B 247 -2.09 -0.87 -24.79
CA ARG B 247 -2.24 0.50 -25.26
C ARG B 247 -1.03 0.86 -26.10
N CYS B 248 -1.26 1.60 -27.19
CA CYS B 248 -0.20 1.90 -28.14
C CYS B 248 -0.60 3.12 -28.96
N ASP B 249 0.11 4.23 -28.77
CA ASP B 249 -0.18 5.48 -29.47
C ASP B 249 1.11 6.10 -29.96
N LEU B 250 0.98 7.07 -30.85
CA LEU B 250 2.11 7.82 -31.39
C LEU B 250 1.82 9.31 -31.30
N GLY B 251 2.78 10.07 -30.78
CA GLY B 251 2.63 11.50 -30.65
C GLY B 251 3.96 12.23 -30.64
N PRO B 252 3.95 13.51 -30.98
CA PRO B 252 5.19 14.29 -30.97
C PRO B 252 5.56 14.76 -29.57
N GLN B 253 6.84 15.08 -29.41
CA GLN B 253 7.37 15.54 -28.13
C GLN B 253 8.39 16.64 -28.36
N LYS B 254 8.39 17.63 -27.48
CA LYS B 254 9.40 18.68 -27.45
C LYS B 254 10.24 18.53 -26.19
N VAL B 255 11.53 18.85 -26.30
CA VAL B 255 12.46 18.82 -25.18
C VAL B 255 12.93 20.24 -24.93
N PHE B 256 12.48 20.83 -23.83
CA PHE B 256 12.75 22.23 -23.54
C PHE B 256 14.15 22.42 -22.96
N PHE B 257 14.80 23.52 -23.36
CA PHE B 257 16.08 23.92 -22.80
C PHE B 257 16.06 25.42 -22.56
N PRO B 258 16.50 25.89 -21.39
CA PRO B 258 16.41 27.32 -21.09
C PRO B 258 17.48 28.15 -21.79
N THR B 259 18.72 27.71 -21.76
CA THR B 259 19.83 28.45 -22.33
C THR B 259 20.12 27.95 -23.74
N ALA B 260 21.09 28.59 -24.39
CA ALA B 260 21.49 28.22 -25.74
C ALA B 260 22.54 27.11 -25.75
N GLU B 261 23.46 27.12 -24.79
CA GLU B 261 24.54 26.13 -24.81
C GLU B 261 24.12 24.81 -24.19
N THR B 262 23.24 24.82 -23.18
CA THR B 262 22.71 23.57 -22.68
C THR B 262 21.89 22.83 -23.73
N HIS B 263 21.30 23.58 -24.68
CA HIS B 263 20.72 22.95 -25.86
C HIS B 263 21.81 22.33 -26.73
N ARG B 264 22.95 23.02 -26.87
CA ARG B 264 24.04 22.50 -27.68
C ARG B 264 24.78 21.40 -26.96
N GLU B 265 25.17 21.63 -25.70
CA GLU B 265 25.95 20.64 -24.96
C GLU B 265 25.20 19.33 -24.80
N PHE B 266 23.86 19.37 -24.70
CA PHE B 266 23.09 18.14 -24.65
C PHE B 266 23.17 17.39 -25.97
N LEU B 267 23.11 18.12 -27.09
CA LEU B 267 23.21 17.47 -28.40
C LEU B 267 24.58 16.86 -28.64
N LYS B 268 25.61 17.31 -27.90
CA LYS B 268 26.91 16.65 -27.97
C LYS B 268 26.82 15.22 -27.47
N SER B 269 26.03 14.98 -26.42
CA SER B 269 25.99 13.66 -25.80
C SER B 269 25.20 12.66 -26.63
N VAL B 270 24.11 13.09 -27.24
CA VAL B 270 23.22 12.17 -27.97
C VAL B 270 23.73 11.98 -29.40
N CYS B 271 24.92 12.49 -29.70
CA CYS B 271 25.55 12.28 -30.99
C CYS B 271 26.35 10.99 -30.93
N ALA B 272 25.86 9.94 -31.58
CA ALA B 272 26.40 8.60 -31.43
C ALA B 272 27.63 8.34 -32.29
N PHE B 273 28.02 9.27 -33.15
CA PHE B 273 29.15 9.06 -34.05
C PHE B 273 30.43 9.76 -33.62
N LEU B 274 30.38 10.57 -32.56
CA LEU B 274 31.55 11.38 -32.19
C LEU B 274 32.68 10.52 -31.64
N TYR B 275 32.37 9.37 -31.05
CA TYR B 275 33.41 8.52 -30.48
C TYR B 275 34.29 7.89 -31.55
N ARG B 276 33.88 7.95 -32.82
CA ARG B 276 34.68 7.41 -33.92
C ARG B 276 35.55 8.46 -34.61
N ILE B 277 35.22 9.74 -34.48
CA ILE B 277 35.88 10.81 -35.22
C ILE B 277 37.09 11.31 -34.44
N PRO B 278 38.24 11.50 -35.07
CA PRO B 278 39.38 12.11 -34.38
C PRO B 278 39.09 13.56 -34.03
N GLU B 279 39.99 14.12 -33.20
CA GLU B 279 39.74 15.44 -32.61
C GLU B 279 39.71 16.54 -33.67
N GLU B 280 40.58 16.45 -34.68
CA GLU B 280 40.66 17.51 -35.68
C GLU B 280 39.37 17.65 -36.49
N GLN B 281 38.52 16.62 -36.49
CA GLN B 281 37.25 16.66 -37.21
C GLN B 281 36.05 16.46 -36.29
N LYS B 282 36.27 16.32 -34.98
CA LYS B 282 35.15 16.25 -34.04
C LYS B 282 34.34 17.53 -34.07
N ASP B 283 35.01 18.67 -33.88
CA ASP B 283 34.31 19.96 -33.89
C ASP B 283 33.74 20.30 -35.26
N ASP B 284 34.21 19.65 -36.31
CA ASP B 284 33.64 19.84 -37.65
C ASP B 284 32.54 18.83 -37.95
N PHE B 285 32.56 17.67 -37.30
CA PHE B 285 31.45 16.72 -37.44
C PHE B 285 30.22 17.23 -36.71
N PHE B 286 30.41 17.84 -35.54
CA PHE B 286 29.28 18.36 -34.77
C PHE B 286 28.60 19.51 -35.51
N ASP B 287 29.40 20.45 -36.03
CA ASP B 287 28.83 21.59 -36.73
C ASP B 287 28.11 21.17 -38.01
N ASP B 288 28.68 20.20 -38.73
CA ASP B 288 27.99 19.63 -39.89
C ASP B 288 26.68 19.00 -39.48
N TRP B 289 26.64 18.37 -38.31
CA TRP B 289 25.42 17.75 -37.81
C TRP B 289 24.40 18.80 -37.41
N LEU B 290 24.81 19.78 -36.60
CA LEU B 290 23.87 20.77 -36.09
C LEU B 290 23.26 21.61 -37.21
N GLN B 291 24.06 21.92 -38.24
CA GLN B 291 23.54 22.69 -39.36
C GLN B 291 22.46 21.93 -40.10
N ARG B 292 22.65 20.63 -40.31
CA ARG B 292 21.67 19.79 -40.97
C ARG B 292 20.41 19.58 -40.14
N LEU B 293 20.44 19.91 -38.86
CA LEU B 293 19.29 19.66 -38.00
C LEU B 293 18.21 20.72 -38.21
N GLU B 294 18.58 22.00 -38.13
CA GLU B 294 17.63 23.06 -38.43
C GLU B 294 17.23 23.03 -39.90
N LYS B 295 18.06 22.47 -40.78
CA LYS B 295 17.64 22.23 -42.15
C LYS B 295 16.48 21.25 -42.20
N LEU B 296 16.59 20.13 -41.48
CA LEU B 296 15.52 19.15 -41.37
C LEU B 296 14.47 19.53 -40.33
N LYS B 297 14.67 20.65 -39.63
CA LYS B 297 13.69 21.18 -38.67
C LYS B 297 13.38 20.17 -37.56
N GLY B 298 14.43 19.69 -36.91
CA GLY B 298 14.28 18.84 -35.74
C GLY B 298 14.47 19.63 -34.47
N THR B 299 15.32 20.64 -34.53
CA THR B 299 15.51 21.59 -33.45
C THR B 299 14.87 22.92 -33.82
N SER B 300 14.51 23.69 -32.80
CA SER B 300 13.86 24.97 -33.02
C SER B 300 14.13 25.89 -31.84
N GLN B 301 13.84 27.17 -32.04
CA GLN B 301 14.00 28.20 -31.03
C GLN B 301 12.70 28.98 -30.92
N GLY B 302 12.31 29.30 -29.69
CA GLY B 302 11.06 30.00 -29.44
C GLY B 302 11.24 31.14 -28.45
N VAL B 303 10.15 31.86 -28.24
CA VAL B 303 10.11 32.98 -27.30
C VAL B 303 9.22 32.59 -26.13
N GLY B 304 9.47 33.22 -24.98
CA GLY B 304 8.75 32.95 -23.75
C GLY B 304 7.84 34.10 -23.35
N ARG B 305 6.98 33.80 -22.37
CA ARG B 305 6.08 34.82 -21.84
C ARG B 305 6.85 35.90 -21.10
N ASN B 306 8.03 35.58 -20.56
CA ASN B 306 8.90 36.56 -19.94
C ASN B 306 9.85 37.22 -20.93
N GLY B 307 9.78 36.84 -22.20
CA GLY B 307 10.63 37.43 -23.23
C GLY B 307 11.92 36.69 -23.49
N GLU B 308 12.22 35.63 -22.74
CA GLU B 308 13.48 34.91 -22.91
C GLU B 308 13.39 33.93 -24.07
N ALA B 309 14.56 33.51 -24.55
CA ALA B 309 14.64 32.57 -25.66
C ALA B 309 14.43 31.14 -25.16
N GLU B 310 13.72 30.35 -25.95
CA GLU B 310 13.41 28.97 -25.62
C GLU B 310 13.92 28.07 -26.74
N TYR B 311 14.59 26.98 -26.36
CA TYR B 311 15.19 26.06 -27.32
C TYR B 311 14.54 24.68 -27.19
N TYR B 312 14.30 24.04 -28.33
CA TYR B 312 13.49 22.83 -28.39
C TYR B 312 14.17 21.75 -29.23
N ILE B 313 13.73 20.52 -29.02
CA ILE B 313 14.11 19.36 -29.83
C ILE B 313 12.84 18.58 -30.13
N HIS B 314 12.52 18.45 -31.41
CA HIS B 314 11.27 17.80 -31.83
C HIS B 314 11.54 16.37 -32.29
N LEU B 315 10.58 15.49 -32.00
CA LEU B 315 10.70 14.07 -32.27
C LEU B 315 9.37 13.39 -31.94
N SER B 316 9.17 12.20 -32.50
CA SER B 316 7.96 11.43 -32.31
C SER B 316 8.23 10.22 -31.43
N VAL B 317 7.30 9.93 -30.53
CA VAL B 317 7.45 8.86 -29.54
C VAL B 317 6.27 7.91 -29.63
N ILE B 318 6.56 6.62 -29.61
CA ILE B 318 5.54 5.59 -29.41
C ILE B 318 5.48 5.25 -27.93
N THR B 319 4.28 5.31 -27.35
CA THR B 319 4.05 4.90 -25.98
C THR B 319 3.30 3.57 -26.00
N ALA B 320 3.76 2.61 -25.21
CA ALA B 320 3.21 1.26 -25.25
C ALA B 320 3.12 0.68 -23.85
N LEU B 321 2.14 -0.20 -23.66
CA LEU B 321 1.94 -0.93 -22.41
C LEU B 321 1.59 -2.36 -22.77
N ALA B 322 2.54 -3.27 -22.57
CA ALA B 322 2.35 -4.68 -22.88
C ALA B 322 2.28 -5.51 -21.60
N ARG B 323 1.98 -6.79 -21.78
CA ARG B 323 1.89 -7.71 -20.65
C ARG B 323 2.30 -9.11 -21.12
N LYS B 324 3.25 -9.72 -20.40
CA LYS B 324 3.66 -11.08 -20.71
C LYS B 324 2.56 -12.06 -20.32
N PHE B 325 2.40 -13.10 -21.12
CA PHE B 325 1.38 -14.12 -20.86
C PHE B 325 1.92 -15.18 -19.90
N ALA C 43 -5.18 -30.36 39.03
CA ALA C 43 -5.19 -28.90 38.98
C ALA C 43 -5.77 -28.39 37.66
N TYR C 44 -5.54 -27.12 37.35
CA TYR C 44 -6.10 -26.49 36.16
C TYR C 44 -5.11 -26.65 35.00
N ARG C 45 -5.33 -27.68 34.18
CA ARG C 45 -4.63 -27.80 32.90
C ARG C 45 -5.46 -27.12 31.81
N GLY C 46 -5.68 -25.83 32.02
CA GLY C 46 -6.42 -24.99 31.11
C GLY C 46 -7.81 -25.51 30.82
N ILE C 47 -8.30 -25.19 29.63
CA ILE C 47 -9.62 -25.62 29.18
C ILE C 47 -9.48 -26.88 28.36
N ASP C 48 -10.11 -27.96 28.82
CA ASP C 48 -10.24 -29.17 28.02
C ASP C 48 -11.46 -29.01 27.12
N LYS C 49 -11.90 -30.12 26.52
CA LYS C 49 -13.05 -30.13 25.62
C LYS C 49 -12.97 -29.00 24.59
N PRO C 50 -11.95 -29.02 23.72
CA PRO C 50 -11.82 -27.92 22.74
C PRO C 50 -12.94 -27.89 21.73
N HIS C 51 -13.68 -28.99 21.57
CA HIS C 51 -14.80 -29.01 20.64
C HIS C 51 -15.87 -28.01 21.05
N LEU C 52 -16.10 -27.87 22.36
CA LEU C 52 -17.14 -26.96 22.84
C LEU C 52 -16.71 -25.50 22.76
N TYR C 53 -15.40 -25.23 22.81
CA TYR C 53 -14.96 -23.84 22.83
C TYR C 53 -15.06 -23.18 21.46
N THR C 54 -14.81 -23.94 20.38
CA THR C 54 -14.91 -23.36 19.04
C THR C 54 -16.31 -22.92 18.69
N LEU C 55 -17.31 -23.25 19.52
CA LEU C 55 -18.66 -22.72 19.33
C LEU C 55 -18.70 -21.21 19.53
N GLY C 56 -17.72 -20.65 20.24
CA GLY C 56 -17.58 -19.22 20.37
C GLY C 56 -16.61 -18.57 19.41
N CYS C 57 -15.94 -19.37 18.56
CA CYS C 57 -15.05 -18.81 17.55
C CYS C 57 -15.77 -17.84 16.64
N CYS C 58 -16.87 -18.27 16.02
CA CYS C 58 -17.62 -17.41 15.10
C CYS C 58 -17.99 -16.06 15.69
N SER C 59 -17.88 -15.88 17.01
CA SER C 59 -18.10 -14.60 17.67
C SER C 59 -16.85 -14.00 18.29
N LEU C 60 -16.02 -14.83 18.94
CA LEU C 60 -14.79 -14.32 19.54
C LEU C 60 -13.79 -13.89 18.47
N THR C 61 -13.85 -14.50 17.28
CA THR C 61 -12.97 -14.08 16.19
C THR C 61 -13.24 -12.64 15.79
N ALA C 62 -14.52 -12.28 15.66
CA ALA C 62 -14.87 -10.91 15.28
C ALA C 62 -14.54 -9.93 16.39
N MET C 63 -14.63 -10.36 17.66
CA MET C 63 -14.38 -9.44 18.77
C MET C 63 -12.91 -9.06 18.85
N ALA C 64 -12.01 -10.07 18.89
CA ALA C 64 -10.59 -9.78 18.95
C ALA C 64 -10.10 -9.13 17.67
N SER C 65 -10.73 -9.42 16.53
CA SER C 65 -10.42 -8.72 15.30
C SER C 65 -10.76 -7.23 15.41
N ALA C 66 -11.83 -6.90 16.14
CA ALA C 66 -12.20 -5.51 16.31
C ALA C 66 -11.26 -4.79 17.27
N GLN C 67 -10.81 -5.47 18.32
CA GLN C 67 -9.89 -4.86 19.27
C GLN C 67 -8.55 -4.53 18.61
N LEU C 68 -8.03 -5.46 17.80
CA LEU C 68 -6.74 -5.24 17.17
C LEU C 68 -6.80 -4.10 16.16
N ASP C 69 -7.93 -3.95 15.46
CA ASP C 69 -8.07 -2.86 14.50
C ASP C 69 -7.98 -1.50 15.19
N ALA C 70 -8.39 -1.44 16.46
CA ALA C 70 -8.30 -0.18 17.20
C ALA C 70 -6.88 0.12 17.66
N LEU C 71 -6.00 -0.89 17.65
CA LEU C 71 -4.63 -0.71 18.10
C LEU C 71 -3.58 -0.92 17.02
N TRP C 72 -3.95 -1.50 15.88
CA TRP C 72 -2.95 -1.90 14.88
C TRP C 72 -2.21 -0.72 14.28
N SER C 73 -2.77 0.49 14.37
CA SER C 73 -2.06 1.66 13.84
C SER C 73 -0.91 2.08 14.74
N GLN C 74 -0.99 1.76 16.03
CA GLN C 74 0.02 2.15 17.00
C GLN C 74 1.14 1.12 17.13
N LEU C 75 1.14 0.09 16.31
CA LEU C 75 2.12 -0.99 16.39
C LEU C 75 3.27 -0.73 15.43
N SER C 76 4.47 -0.56 15.96
CA SER C 76 5.67 -0.46 15.15
C SER C 76 6.22 -1.85 14.86
N TRP C 77 6.90 -1.98 13.73
CA TRP C 77 7.45 -3.27 13.33
C TRP C 77 8.90 -3.13 12.90
N PRO C 78 9.73 -4.12 13.19
CA PRO C 78 11.14 -4.06 12.78
C PRO C 78 11.31 -4.34 11.30
N GLN C 79 12.48 -3.96 10.80
CA GLN C 79 12.78 -4.16 9.38
C GLN C 79 12.86 -5.65 9.05
N THR C 80 13.69 -6.39 9.77
CA THR C 80 13.72 -7.84 9.65
C THR C 80 12.72 -8.45 10.62
N PRO C 81 11.77 -9.27 10.15
CA PRO C 81 10.71 -9.76 11.04
C PRO C 81 11.27 -10.60 12.19
N LEU C 82 10.66 -10.45 13.35
CA LEU C 82 10.92 -11.26 14.53
C LEU C 82 9.71 -12.13 14.84
N PRO C 83 9.92 -13.26 15.53
CA PRO C 83 8.78 -14.13 15.86
C PRO C 83 7.78 -13.41 16.76
N VAL C 84 6.51 -13.73 16.56
CA VAL C 84 5.42 -13.17 17.34
C VAL C 84 4.76 -14.30 18.12
N LEU C 85 4.44 -14.03 19.39
CA LEU C 85 3.95 -15.04 20.32
C LEU C 85 2.53 -14.72 20.74
N ASP C 86 1.67 -15.74 20.72
CA ASP C 86 0.30 -15.64 21.22
C ASP C 86 0.15 -16.63 22.37
N ILE C 87 0.08 -16.11 23.59
CA ILE C 87 0.01 -16.93 24.79
C ILE C 87 -1.45 -17.19 25.11
N GLY C 88 -1.77 -18.41 25.52
CA GLY C 88 -3.14 -18.79 25.79
C GLY C 88 -4.00 -18.64 24.55
N CYS C 89 -3.61 -19.31 23.47
CA CYS C 89 -4.22 -19.10 22.16
C CYS C 89 -5.56 -19.81 22.01
N GLY C 90 -5.86 -20.79 22.85
CA GLY C 90 -7.07 -21.55 22.72
C GLY C 90 -7.00 -22.53 21.56
N PRO C 91 -8.10 -22.68 20.83
CA PRO C 91 -8.10 -23.60 19.68
C PRO C 91 -7.52 -22.98 18.42
N GLY C 92 -6.56 -22.08 18.58
CA GLY C 92 -5.83 -21.53 17.44
C GLY C 92 -6.67 -20.72 16.50
N ASP C 93 -7.77 -20.14 16.99
CA ASP C 93 -8.66 -19.37 16.12
C ASP C 93 -8.28 -17.91 16.04
N ILE C 94 -7.83 -17.31 17.15
CA ILE C 94 -7.39 -15.93 17.15
C ILE C 94 -5.91 -15.89 16.78
N ALA C 95 -5.50 -16.84 15.95
CA ALA C 95 -4.12 -16.90 15.49
C ALA C 95 -4.09 -17.18 14.00
N ARG C 96 -4.83 -18.19 13.55
CA ARG C 96 -4.90 -18.50 12.13
C ARG C 96 -5.78 -17.51 11.38
N LYS C 97 -6.87 -17.06 12.02
CA LYS C 97 -7.87 -16.24 11.34
C LYS C 97 -7.78 -14.77 11.70
N VAL C 98 -7.16 -14.41 12.82
CA VAL C 98 -7.06 -13.03 13.27
C VAL C 98 -5.63 -12.50 13.15
N LEU C 99 -4.69 -13.14 13.85
CA LEU C 99 -3.32 -12.64 13.92
C LEU C 99 -2.57 -12.79 12.60
N ALA C 100 -2.34 -14.03 12.18
CA ALA C 100 -1.51 -14.30 11.00
C ALA C 100 -1.96 -13.59 9.73
N PRO C 101 -3.25 -13.43 9.42
CA PRO C 101 -3.60 -12.71 8.19
C PRO C 101 -3.03 -11.30 8.10
N ARG C 102 -3.05 -10.54 9.21
CA ARG C 102 -2.57 -9.17 9.19
C ARG C 102 -1.11 -9.04 9.61
N LEU C 103 -0.37 -10.14 9.60
CA LEU C 103 1.00 -9.97 10.08
C LEU C 103 1.93 -9.57 8.94
N PRO C 104 2.98 -8.79 9.26
CA PRO C 104 4.01 -8.49 8.25
C PRO C 104 4.53 -9.74 7.57
N ALA C 105 4.46 -9.78 6.24
CA ALA C 105 4.87 -10.97 5.50
C ALA C 105 6.32 -11.32 5.81
N GLY C 106 6.56 -12.60 6.12
CA GLY C 106 7.83 -13.07 6.59
C GLY C 106 7.88 -13.33 8.09
N THR C 107 6.98 -12.70 8.85
CA THR C 107 6.90 -12.94 10.29
C THR C 107 6.34 -14.34 10.56
N ARG C 108 6.86 -14.97 11.60
CA ARG C 108 6.42 -16.30 12.02
C ARG C 108 5.74 -16.20 13.37
N LEU C 109 4.61 -16.90 13.51
CA LEU C 109 3.81 -16.86 14.72
C LEU C 109 4.04 -18.12 15.55
N VAL C 110 4.10 -17.94 16.87
CA VAL C 110 4.16 -19.05 17.82
C VAL C 110 3.00 -18.90 18.78
N ALA C 111 2.10 -19.88 18.79
CA ALA C 111 0.95 -19.87 19.67
C ALA C 111 1.08 -20.99 20.69
N CYS C 112 0.81 -20.68 21.95
CA CYS C 112 0.98 -21.67 23.02
C CYS C 112 -0.18 -21.59 23.99
N ASP C 113 -0.70 -22.76 24.35
CA ASP C 113 -1.67 -22.91 25.41
C ASP C 113 -1.09 -23.80 26.51
N ILE C 114 -1.78 -23.85 27.64
CA ILE C 114 -1.33 -24.73 28.73
C ILE C 114 -1.92 -26.13 28.61
N SER C 115 -3.06 -26.28 27.93
CA SER C 115 -3.73 -27.58 27.83
C SER C 115 -3.35 -28.28 26.55
N PRO C 116 -2.96 -29.56 26.61
CA PRO C 116 -2.68 -30.31 25.37
C PRO C 116 -3.87 -30.36 24.43
N GLU C 117 -5.08 -30.52 24.96
CA GLU C 117 -6.27 -30.66 24.12
C GLU C 117 -6.41 -29.48 23.15
N MET C 118 -6.19 -28.26 23.64
CA MET C 118 -6.19 -27.11 22.75
C MET C 118 -5.00 -27.16 21.81
N VAL C 119 -3.80 -27.36 22.35
CA VAL C 119 -2.61 -27.47 21.54
C VAL C 119 -2.73 -28.60 20.52
N ASP C 120 -3.56 -29.60 20.80
CA ASP C 120 -3.83 -30.66 19.83
C ASP C 120 -4.92 -30.26 18.84
N PHE C 121 -5.94 -29.51 19.30
CA PHE C 121 -6.98 -29.06 18.40
C PHE C 121 -6.42 -28.12 17.33
N CYS C 122 -5.46 -27.27 17.71
CA CYS C 122 -4.87 -26.33 16.77
C CYS C 122 -4.12 -27.06 15.65
N ARG C 123 -3.16 -27.91 16.04
CA ARG C 123 -2.32 -28.59 15.06
C ARG C 123 -3.11 -29.41 14.07
N GLN C 124 -4.37 -29.72 14.37
CA GLN C 124 -5.23 -30.46 13.45
C GLN C 124 -6.03 -29.51 12.56
N HIS C 125 -6.89 -28.69 13.17
CA HIS C 125 -7.79 -27.82 12.41
C HIS C 125 -7.10 -26.53 11.98
N ASN C 126 -6.96 -25.56 12.88
CA ASN C 126 -6.38 -24.27 12.51
C ASN C 126 -4.87 -24.33 12.36
N ALA C 127 -4.36 -25.36 11.68
CA ALA C 127 -2.93 -25.51 11.47
C ALA C 127 -2.51 -24.75 10.23
N LEU C 128 -1.61 -23.78 10.39
CA LEU C 128 -1.10 -22.98 9.28
C LEU C 128 0.39 -23.25 9.16
N PRO C 129 0.82 -24.11 8.24
CA PRO C 129 2.25 -24.45 8.14
C PRO C 129 3.07 -23.28 7.63
N GLY C 130 4.36 -23.34 7.95
CA GLY C 130 5.29 -22.30 7.57
C GLY C 130 5.08 -20.96 8.25
N THR C 131 4.11 -20.86 9.16
CA THR C 131 3.82 -19.61 9.83
C THR C 131 3.57 -19.82 11.32
N ILE C 132 2.44 -20.43 11.65
CA ILE C 132 2.03 -20.60 13.04
C ILE C 132 2.52 -21.95 13.54
N THR C 133 3.19 -21.94 14.69
CA THR C 133 3.63 -23.14 15.38
C THR C 133 2.93 -23.18 16.73
N TYR C 134 2.23 -24.30 16.99
CA TYR C 134 1.46 -24.45 18.22
C TYR C 134 2.25 -25.34 19.19
N GLU C 135 2.68 -24.75 20.30
CA GLU C 135 3.38 -25.47 21.35
C GLU C 135 2.60 -25.36 22.66
N LEU C 136 3.14 -25.98 23.70
CA LEU C 136 2.53 -26.00 25.01
C LEU C 136 3.36 -25.17 25.98
N LEU C 137 2.69 -24.34 26.77
CA LEU C 137 3.39 -23.47 27.70
C LEU C 137 2.44 -22.97 28.77
N ASP C 138 2.93 -22.93 30.01
CA ASP C 138 2.24 -22.28 31.13
C ASP C 138 2.90 -20.93 31.33
N VAL C 139 2.09 -19.86 31.27
CA VAL C 139 2.64 -18.50 31.32
C VAL C 139 3.35 -18.22 32.63
N VAL C 140 3.05 -18.96 33.69
CA VAL C 140 3.74 -18.81 34.96
C VAL C 140 4.61 -20.04 35.20
N GLU C 141 5.34 -20.45 34.19
CA GLU C 141 6.19 -21.63 34.31
C GLU C 141 7.38 -21.32 35.19
N PRO C 142 7.70 -22.17 36.17
CA PRO C 142 8.90 -21.91 36.99
C PRO C 142 10.19 -21.88 36.18
N ARG C 143 10.31 -22.78 35.21
CA ARG C 143 11.50 -22.87 34.37
C ARG C 143 11.12 -22.53 32.94
N LEU C 144 11.01 -21.23 32.66
CA LEU C 144 10.65 -20.78 31.33
C LEU C 144 11.74 -21.15 30.33
N GLU C 145 13.01 -21.04 30.75
CA GLU C 145 14.12 -21.21 29.83
C GLU C 145 14.26 -22.64 29.31
N ASP C 146 13.58 -23.60 29.93
CA ASP C 146 13.63 -24.99 29.50
C ASP C 146 12.45 -25.36 28.59
N THR C 147 11.72 -24.38 28.08
CA THR C 147 10.58 -24.62 27.22
C THR C 147 10.93 -24.32 25.77
N VAL C 148 10.17 -24.95 24.86
CA VAL C 148 10.38 -24.73 23.43
C VAL C 148 10.06 -23.29 23.06
N VAL C 149 9.01 -22.72 23.67
CA VAL C 149 8.60 -21.36 23.34
C VAL C 149 9.72 -20.38 23.64
N TRP C 150 10.45 -20.59 24.74
CA TRP C 150 11.51 -19.66 25.12
C TRP C 150 12.61 -19.59 24.06
N ARG C 151 12.85 -20.69 23.34
CA ARG C 151 13.98 -20.76 22.44
C ARG C 151 13.61 -20.54 20.98
N ASN C 152 12.31 -20.42 20.68
CA ASN C 152 11.90 -19.80 19.43
C ASN C 152 11.99 -18.28 19.50
N GLY C 153 12.23 -17.73 20.68
CA GLY C 153 12.35 -16.31 20.86
C GLY C 153 13.77 -15.82 20.63
N PRO C 154 14.05 -14.57 20.99
CA PRO C 154 13.15 -13.60 21.64
C PRO C 154 12.10 -13.06 20.67
N PHE C 155 10.92 -12.70 21.18
CA PHE C 155 9.79 -12.34 20.34
C PHE C 155 9.67 -10.84 20.20
N GLY C 156 9.31 -10.39 18.99
CA GLY C 156 9.09 -8.97 18.77
C GLY C 156 7.83 -8.48 19.46
N LYS C 157 6.71 -9.15 19.24
CA LYS C 157 5.45 -8.82 19.87
C LYS C 157 4.87 -10.05 20.55
N VAL C 158 4.07 -9.82 21.60
CA VAL C 158 3.41 -10.88 22.34
C VAL C 158 1.96 -10.49 22.55
N PHE C 159 1.04 -11.32 22.03
CA PHE C 159 -0.38 -11.10 22.19
C PHE C 159 -0.92 -11.97 23.31
N CYS C 160 -1.85 -11.40 24.09
CA CYS C 160 -2.43 -12.07 25.25
C CYS C 160 -3.91 -11.68 25.32
N MET C 161 -4.78 -12.60 24.92
CA MET C 161 -6.22 -12.32 24.80
C MET C 161 -6.99 -13.24 25.72
N LEU C 162 -7.70 -12.66 26.69
CA LEU C 162 -8.67 -13.36 27.53
C LEU C 162 -8.08 -14.63 28.13
N MET C 163 -7.13 -14.42 29.05
CA MET C 163 -6.46 -15.56 29.67
C MET C 163 -5.86 -15.19 31.01
N LEU C 164 -5.38 -13.95 31.16
CA LEU C 164 -4.80 -13.50 32.43
C LEU C 164 -5.78 -13.53 33.58
N HIS C 165 -7.08 -13.68 33.32
CA HIS C 165 -8.05 -13.88 34.39
C HIS C 165 -8.07 -15.31 34.89
N LEU C 166 -7.43 -16.23 34.18
CA LEU C 166 -7.20 -17.60 34.63
C LEU C 166 -5.85 -17.79 35.32
N VAL C 167 -4.99 -16.77 35.34
CA VAL C 167 -3.67 -16.86 35.95
C VAL C 167 -3.72 -16.10 37.27
N PRO C 168 -3.72 -16.78 38.42
CA PRO C 168 -3.75 -16.05 39.70
C PRO C 168 -2.57 -15.11 39.88
N ASP C 169 -1.34 -15.61 39.76
CA ASP C 169 -0.15 -14.79 39.90
C ASP C 169 0.05 -14.02 38.60
N ASN C 170 -0.50 -12.80 38.56
CA ASN C 170 -0.42 -11.98 37.35
C ASN C 170 0.92 -11.30 37.20
N ARG C 171 1.56 -10.89 38.31
CA ARG C 171 2.86 -10.25 38.21
C ARG C 171 3.93 -11.22 37.74
N LEU C 172 3.80 -12.50 38.10
CA LEU C 172 4.72 -13.51 37.59
C LEU C 172 4.56 -13.70 36.09
N ALA C 173 3.31 -13.69 35.60
CA ALA C 173 3.07 -13.85 34.17
C ALA C 173 3.55 -12.64 33.39
N VAL C 174 3.44 -11.44 33.95
CA VAL C 174 3.94 -10.25 33.28
C VAL C 174 5.46 -10.28 33.22
N LYS C 175 6.11 -10.74 34.30
CA LYS C 175 7.56 -10.82 34.30
C LYS C 175 8.06 -11.83 33.27
N ASN C 176 7.32 -12.93 33.08
CA ASN C 176 7.69 -13.91 32.06
C ASN C 176 7.50 -13.35 30.66
N ILE C 177 6.43 -12.56 30.46
CA ILE C 177 6.23 -11.90 29.18
C ILE C 177 7.33 -10.87 28.94
N HIS C 178 7.80 -10.22 30.01
CA HIS C 178 8.89 -9.26 29.87
C HIS C 178 10.18 -9.95 29.46
N LYS C 179 10.41 -11.18 29.95
CA LYS C 179 11.59 -11.93 29.53
C LYS C 179 11.53 -12.27 28.05
N LEU C 180 10.34 -12.62 27.55
CA LEU C 180 10.20 -13.11 26.18
C LEU C 180 10.29 -12.00 25.14
N LEU C 181 10.15 -10.75 25.55
CA LEU C 181 10.15 -9.63 24.61
C LEU C 181 11.56 -9.07 24.42
N VAL C 182 11.82 -8.58 23.20
CA VAL C 182 13.04 -7.85 22.90
C VAL C 182 12.89 -6.44 23.47
N PRO C 183 13.97 -5.78 23.86
CA PRO C 183 13.87 -4.38 24.28
C PRO C 183 13.31 -3.53 23.16
N GLY C 184 12.14 -2.94 23.41
CA GLY C 184 11.39 -2.23 22.40
C GLY C 184 10.20 -2.98 21.85
N GLY C 185 10.06 -4.26 22.20
CA GLY C 185 8.90 -5.02 21.79
C GLY C 185 7.64 -4.56 22.51
N GLU C 186 6.50 -5.00 21.97
CA GLU C 186 5.21 -4.56 22.47
C GLU C 186 4.36 -5.76 22.86
N ALA C 187 3.54 -5.57 23.89
CA ALA C 187 2.65 -6.60 24.41
C ALA C 187 1.21 -6.10 24.36
N VAL C 188 0.33 -6.87 23.75
CA VAL C 188 -1.07 -6.52 23.59
C VAL C 188 -1.88 -7.40 24.54
N PHE C 189 -2.43 -6.78 25.59
CA PHE C 189 -3.21 -7.51 26.58
C PHE C 189 -4.69 -7.38 26.29
N SER C 190 -5.46 -8.38 26.75
CA SER C 190 -6.92 -8.40 26.69
C SER C 190 -7.40 -9.14 27.93
N VAL C 191 -7.31 -8.47 29.07
CA VAL C 191 -7.63 -9.06 30.36
C VAL C 191 -9.08 -8.78 30.69
N ILE C 192 -9.77 -9.77 31.25
CA ILE C 192 -11.13 -9.61 31.72
C ILE C 192 -11.08 -9.10 33.16
N ALA C 193 -11.52 -7.86 33.36
CA ALA C 193 -11.49 -7.27 34.69
C ALA C 193 -12.45 -8.00 35.64
N ASN C 194 -13.75 -7.96 35.32
CA ASN C 194 -14.76 -8.61 36.16
C ASN C 194 -15.85 -9.18 35.26
N MET C 195 -16.46 -10.26 35.72
CA MET C 195 -17.58 -10.87 35.01
C MET C 195 -18.41 -11.66 36.00
N ALA C 196 -19.67 -11.90 35.62
CA ALA C 196 -20.59 -12.59 36.52
C ALA C 196 -20.32 -14.07 36.61
N LEU C 197 -19.51 -14.65 35.72
CA LEU C 197 -19.10 -16.03 35.89
C LEU C 197 -18.28 -16.22 37.17
N CYS C 198 -17.60 -15.16 37.61
CA CYS C 198 -16.77 -15.24 38.80
C CYS C 198 -17.59 -15.05 40.08
N ASP C 199 -18.56 -14.13 40.05
CA ASP C 199 -19.44 -13.97 41.21
C ASP C 199 -20.28 -15.21 41.44
N ALA C 200 -20.70 -15.88 40.35
CA ALA C 200 -21.42 -17.13 40.49
C ALA C 200 -20.53 -18.21 41.12
N TYR C 201 -19.23 -18.16 40.85
CA TYR C 201 -18.30 -19.07 41.50
C TYR C 201 -18.26 -18.83 43.00
N GLU C 202 -18.09 -17.58 43.41
CA GLU C 202 -17.96 -17.25 44.82
C GLU C 202 -19.23 -17.53 45.60
N GLU C 203 -20.39 -17.47 44.94
CA GLU C 203 -21.64 -17.80 45.62
C GLU C 203 -21.81 -19.31 45.76
N MET C 204 -21.36 -20.08 44.77
CA MET C 204 -21.42 -21.53 44.87
C MET C 204 -20.42 -22.09 45.86
N ALA C 205 -19.34 -21.35 46.15
CA ALA C 205 -18.35 -21.84 47.11
C ALA C 205 -18.91 -21.86 48.53
N LYS C 206 -19.91 -21.01 48.82
CA LYS C 206 -20.51 -20.98 50.14
C LYS C 206 -21.43 -22.15 50.39
N GLU C 207 -21.86 -22.86 49.35
CA GLU C 207 -22.73 -24.00 49.52
C GLU C 207 -21.96 -25.17 50.14
N PRO C 208 -22.41 -25.72 51.27
CA PRO C 208 -21.80 -26.96 51.77
C PRO C 208 -21.86 -28.09 50.76
N ARG C 209 -22.82 -28.04 49.84
CA ARG C 209 -22.93 -29.00 48.75
C ARG C 209 -21.65 -29.06 47.91
N TRP C 210 -20.93 -27.94 47.81
CA TRP C 210 -19.75 -27.86 46.97
C TRP C 210 -18.47 -27.49 47.71
N ALA C 211 -18.56 -26.97 48.95
CA ALA C 211 -17.45 -26.26 49.56
C ALA C 211 -16.15 -27.06 49.56
N LEU C 212 -16.24 -28.39 49.55
CA LEU C 212 -15.03 -29.20 49.54
C LEU C 212 -14.24 -29.00 48.25
N TYR C 213 -14.93 -28.84 47.12
CA TYR C 213 -14.27 -28.66 45.84
C TYR C 213 -13.88 -27.22 45.57
N MET C 214 -14.44 -26.26 46.29
CA MET C 214 -14.27 -24.84 46.00
C MET C 214 -13.63 -24.12 47.17
N GLN C 215 -12.66 -24.76 47.83
CA GLN C 215 -11.94 -24.11 48.92
C GLN C 215 -10.96 -23.07 48.41
N ASP C 216 -10.54 -23.16 47.16
CA ASP C 216 -9.63 -22.18 46.56
C ASP C 216 -10.37 -21.34 45.54
N VAL C 217 -11.54 -20.81 45.92
CA VAL C 217 -12.38 -20.10 44.95
C VAL C 217 -11.72 -18.81 44.50
N GLU C 218 -10.93 -18.15 45.37
CA GLU C 218 -10.31 -16.90 45.00
C GLU C 218 -9.22 -17.08 43.95
N LYS C 219 -8.75 -18.30 43.72
CA LYS C 219 -7.79 -18.59 42.67
C LYS C 219 -8.46 -18.98 41.35
N PHE C 220 -9.79 -19.11 41.35
CA PHE C 220 -10.56 -19.31 40.12
C PHE C 220 -11.32 -18.05 39.73
N VAL C 221 -10.94 -16.90 40.28
CA VAL C 221 -11.59 -15.62 40.01
C VAL C 221 -10.52 -14.64 39.54
N SER C 222 -10.88 -13.79 38.59
CA SER C 222 -9.96 -12.76 38.13
C SER C 222 -9.53 -11.88 39.30
N PRO C 223 -8.26 -11.49 39.37
CA PRO C 223 -7.83 -10.65 40.50
C PRO C 223 -8.44 -9.26 40.46
N TYR C 224 -8.75 -8.75 39.27
CA TYR C 224 -9.38 -7.45 39.11
C TYR C 224 -10.89 -7.52 39.25
N GLN C 225 -11.42 -8.65 39.74
CA GLN C 225 -12.86 -8.78 39.93
C GLN C 225 -13.39 -7.73 40.92
N HIS C 226 -12.79 -7.67 42.10
CA HIS C 226 -13.19 -6.73 43.14
C HIS C 226 -12.37 -5.45 43.12
N SER C 227 -11.70 -5.15 42.01
CA SER C 227 -10.90 -3.95 41.90
C SER C 227 -11.79 -2.75 41.62
N GLU C 228 -11.65 -1.71 42.45
CA GLU C 228 -12.41 -0.47 42.23
C GLU C 228 -11.88 0.32 41.04
N ASP C 229 -10.66 0.03 40.59
CA ASP C 229 -10.07 0.69 39.43
C ASP C 229 -9.18 -0.30 38.71
N PRO C 230 -9.76 -1.15 37.86
CA PRO C 230 -8.93 -2.17 37.18
C PRO C 230 -7.90 -1.58 36.24
N VAL C 231 -8.22 -0.49 35.55
CA VAL C 231 -7.27 0.12 34.62
C VAL C 231 -6.05 0.66 35.37
N GLY C 232 -6.28 1.22 36.56
CA GLY C 232 -5.17 1.75 37.32
C GLY C 232 -4.23 0.66 37.83
N GLU C 233 -4.80 -0.40 38.39
CA GLU C 233 -3.98 -1.49 38.92
C GLU C 233 -3.18 -2.17 37.82
N PHE C 234 -3.80 -2.37 36.65
CA PHE C 234 -3.09 -3.05 35.56
C PHE C 234 -2.00 -2.17 34.99
N ARG C 235 -2.27 -0.86 34.83
CA ARG C 235 -1.24 0.05 34.36
C ARG C 235 -0.08 0.13 35.35
N LEU C 236 -0.38 0.10 36.65
CA LEU C 236 0.68 0.08 37.65
C LEU C 236 1.42 -1.24 37.65
N LEU C 237 0.71 -2.34 37.39
CA LEU C 237 1.37 -3.65 37.36
C LEU C 237 2.33 -3.76 36.19
N LEU C 238 1.93 -3.25 35.01
CA LEU C 238 2.81 -3.31 33.85
C LEU C 238 4.03 -2.42 34.03
N GLU C 239 3.83 -1.19 34.51
CA GLU C 239 4.95 -0.28 34.69
C GLU C 239 5.88 -0.70 35.82
N SER C 240 5.38 -1.46 36.80
CA SER C 240 6.24 -1.99 37.85
C SER C 240 7.12 -3.14 37.36
N GLU C 241 6.97 -3.55 36.10
CA GLU C 241 7.78 -4.62 35.53
C GLU C 241 8.61 -4.13 34.34
N GLY C 242 8.77 -2.82 34.20
CA GLY C 242 9.58 -2.26 33.13
C GLY C 242 8.86 -1.98 31.84
N PHE C 243 7.54 -1.91 31.85
CA PHE C 243 6.76 -1.67 30.65
C PHE C 243 6.36 -0.19 30.54
N GLN C 244 6.11 0.23 29.31
CA GLN C 244 5.62 1.57 29.01
C GLN C 244 4.19 1.43 28.50
N VAL C 245 3.22 1.66 29.39
CA VAL C 245 1.81 1.52 29.03
C VAL C 245 1.44 2.61 28.04
N LEU C 246 1.31 2.23 26.76
CA LEU C 246 0.99 3.19 25.72
C LEU C 246 -0.49 3.51 25.65
N ARG C 247 -1.35 2.61 26.13
CA ARG C 247 -2.80 2.79 26.00
C ARG C 247 -3.48 1.73 26.86
N CYS C 248 -4.52 2.14 27.58
CA CYS C 248 -5.22 1.24 28.49
C CYS C 248 -6.64 1.74 28.68
N ASP C 249 -7.62 0.89 28.37
CA ASP C 249 -9.03 1.24 28.48
C ASP C 249 -9.81 0.05 29.03
N LEU C 250 -11.01 0.35 29.54
CA LEU C 250 -11.92 -0.66 30.06
C LEU C 250 -13.28 -0.47 29.40
N GLY C 251 -13.85 -1.55 28.88
CA GLY C 251 -15.14 -1.49 28.23
C GLY C 251 -15.88 -2.81 28.29
N PRO C 252 -17.20 -2.75 28.26
CA PRO C 252 -18.00 -3.98 28.23
C PRO C 252 -18.03 -4.59 26.84
N GLN C 253 -18.04 -5.92 26.80
CA GLN C 253 -18.08 -6.65 25.55
C GLN C 253 -19.18 -7.70 25.60
N LYS C 254 -19.51 -8.25 24.43
CA LYS C 254 -20.62 -9.18 24.29
C LYS C 254 -20.21 -10.31 23.36
N VAL C 255 -20.49 -11.54 23.79
CA VAL C 255 -20.25 -12.73 22.98
C VAL C 255 -21.61 -13.27 22.54
N PHE C 256 -21.81 -13.35 21.23
CA PHE C 256 -23.11 -13.71 20.67
C PHE C 256 -23.11 -15.16 20.20
N PHE C 257 -24.23 -15.84 20.42
CA PHE C 257 -24.42 -17.22 19.97
C PHE C 257 -25.78 -17.32 19.29
N PRO C 258 -25.84 -17.85 18.07
CA PRO C 258 -27.12 -17.83 17.34
C PRO C 258 -28.16 -18.79 17.89
N THR C 259 -27.75 -19.97 18.34
CA THR C 259 -28.69 -20.95 18.85
C THR C 259 -28.67 -20.96 20.39
N ALA C 260 -29.60 -21.73 20.95
CA ALA C 260 -29.69 -21.84 22.40
C ALA C 260 -28.60 -22.76 22.97
N GLU C 261 -28.32 -23.87 22.29
CA GLU C 261 -27.42 -24.86 22.88
C GLU C 261 -25.95 -24.50 22.68
N THR C 262 -25.61 -23.82 21.57
CA THR C 262 -24.24 -23.32 21.44
C THR C 262 -23.92 -22.31 22.54
N HIS C 263 -24.92 -21.52 22.96
CA HIS C 263 -24.75 -20.68 24.13
C HIS C 263 -24.57 -21.51 25.39
N ARG C 264 -25.21 -22.67 25.46
CA ARG C 264 -25.09 -23.53 26.63
C ARG C 264 -23.84 -24.39 26.56
N GLU C 265 -23.58 -25.03 25.41
CA GLU C 265 -22.43 -25.91 25.29
C GLU C 265 -21.11 -25.15 25.42
N PHE C 266 -21.10 -23.85 25.06
CA PHE C 266 -19.89 -23.07 25.25
C PHE C 266 -19.60 -22.85 26.72
N LEU C 267 -20.63 -22.54 27.52
CA LEU C 267 -20.43 -22.32 28.94
C LEU C 267 -19.99 -23.60 29.66
N LYS C 268 -20.23 -24.77 29.08
CA LYS C 268 -19.68 -25.99 29.63
C LYS C 268 -18.16 -25.97 29.62
N SER C 269 -17.57 -25.41 28.57
CA SER C 269 -16.12 -25.44 28.43
C SER C 269 -15.45 -24.44 29.36
N VAL C 270 -16.03 -23.25 29.51
CA VAL C 270 -15.42 -22.18 30.28
C VAL C 270 -15.78 -22.30 31.76
N CYS C 271 -16.29 -23.46 32.16
CA CYS C 271 -16.58 -23.74 33.56
C CYS C 271 -15.35 -24.44 34.15
N ALA C 272 -14.62 -23.72 35.01
CA ALA C 272 -13.32 -24.17 35.48
C ALA C 272 -13.39 -25.18 36.62
N PHE C 273 -14.58 -25.46 37.16
CA PHE C 273 -14.71 -26.37 38.29
C PHE C 273 -15.26 -27.75 37.90
N LEU C 274 -15.62 -27.96 36.64
CA LEU C 274 -16.25 -29.21 36.26
C LEU C 274 -15.30 -30.39 36.33
N TYR C 275 -14.00 -30.15 36.14
CA TYR C 275 -13.04 -31.24 36.19
C TYR C 275 -12.89 -31.84 37.58
N ARG C 276 -13.31 -31.11 38.62
CA ARG C 276 -13.20 -31.60 39.99
C ARG C 276 -14.44 -32.36 40.45
N ILE C 277 -15.56 -32.21 39.76
CA ILE C 277 -16.83 -32.77 40.22
C ILE C 277 -17.05 -34.15 39.61
N PRO C 278 -17.43 -35.14 40.42
CA PRO C 278 -17.79 -36.45 39.85
C PRO C 278 -19.02 -36.35 38.96
N GLU C 279 -19.23 -37.40 38.17
CA GLU C 279 -20.26 -37.36 37.13
C GLU C 279 -21.66 -37.20 37.74
N GLU C 280 -21.91 -37.84 38.89
CA GLU C 280 -23.23 -37.77 39.50
C GLU C 280 -23.63 -36.35 39.88
N GLN C 281 -22.67 -35.45 40.10
CA GLN C 281 -22.96 -34.07 40.43
C GLN C 281 -22.51 -33.08 39.37
N LYS C 282 -21.96 -33.57 38.24
CA LYS C 282 -21.55 -32.67 37.16
C LYS C 282 -22.74 -31.94 36.58
N ASP C 283 -23.77 -32.69 36.15
CA ASP C 283 -24.93 -32.06 35.54
C ASP C 283 -25.69 -31.19 36.54
N ASP C 284 -25.60 -31.52 37.83
CA ASP C 284 -26.21 -30.67 38.84
C ASP C 284 -25.36 -29.43 39.11
N PHE C 285 -24.03 -29.54 38.97
CA PHE C 285 -23.17 -28.37 39.14
C PHE C 285 -23.39 -27.37 38.02
N PHE C 286 -23.61 -27.85 36.79
CA PHE C 286 -23.79 -26.95 35.67
C PHE C 286 -25.11 -26.17 35.79
N ASP C 287 -26.19 -26.86 36.14
CA ASP C 287 -27.47 -26.17 36.31
C ASP C 287 -27.42 -25.18 37.45
N ASP C 288 -26.76 -25.55 38.56
CA ASP C 288 -26.57 -24.60 39.65
C ASP C 288 -25.77 -23.38 39.19
N TRP C 289 -24.77 -23.61 38.34
CA TRP C 289 -23.98 -22.50 37.80
C TRP C 289 -24.81 -21.66 36.84
N LEU C 290 -25.51 -22.31 35.90
CA LEU C 290 -26.25 -21.58 34.87
C LEU C 290 -27.39 -20.76 35.48
N GLN C 291 -28.08 -21.32 36.48
CA GLN C 291 -29.19 -20.59 37.09
C GLN C 291 -28.70 -19.33 37.77
N ARG C 292 -27.57 -19.40 38.49
CA ARG C 292 -27.03 -18.24 39.16
C ARG C 292 -26.49 -17.19 38.18
N LEU C 293 -26.30 -17.54 36.92
CA LEU C 293 -25.75 -16.59 35.95
C LEU C 293 -26.79 -15.56 35.52
N GLU C 294 -28.00 -16.01 35.22
CA GLU C 294 -29.07 -15.06 34.91
C GLU C 294 -29.54 -14.32 36.15
N LYS C 295 -29.33 -14.89 37.34
CA LYS C 295 -29.52 -14.13 38.57
C LYS C 295 -28.62 -12.90 38.60
N LEU C 296 -27.31 -13.12 38.43
CA LEU C 296 -26.34 -12.04 38.40
C LEU C 296 -26.31 -11.30 37.07
N LYS C 297 -27.12 -11.74 36.09
CA LYS C 297 -27.28 -11.05 34.81
C LYS C 297 -25.95 -10.91 34.07
N GLY C 298 -25.21 -12.01 34.02
CA GLY C 298 -24.01 -12.06 33.19
C GLY C 298 -24.34 -12.57 31.81
N THR C 299 -25.29 -13.50 31.73
CA THR C 299 -25.81 -14.00 30.48
C THR C 299 -27.19 -13.40 30.22
N SER C 300 -27.47 -13.07 28.97
CA SER C 300 -28.73 -12.48 28.58
C SER C 300 -29.21 -13.13 27.29
N GLN C 301 -30.39 -12.70 26.83
CA GLN C 301 -30.97 -13.21 25.60
C GLN C 301 -31.69 -12.08 24.90
N GLY C 302 -31.60 -12.04 23.57
CA GLY C 302 -32.19 -10.96 22.81
C GLY C 302 -33.05 -11.41 21.65
N VAL C 303 -33.44 -10.45 20.80
CA VAL C 303 -34.27 -10.73 19.63
C VAL C 303 -33.54 -10.22 18.39
N GLY C 304 -33.83 -10.85 17.26
CA GLY C 304 -33.19 -10.48 16.01
C GLY C 304 -34.08 -9.68 15.08
N ARG C 305 -33.48 -8.96 14.13
CA ARG C 305 -34.26 -8.21 13.16
C ARG C 305 -35.10 -9.15 12.29
N ASN C 306 -34.59 -10.34 12.01
CA ASN C 306 -35.36 -11.36 11.29
C ASN C 306 -36.35 -12.09 12.18
N GLY C 307 -36.30 -11.87 13.50
CA GLY C 307 -37.19 -12.53 14.43
C GLY C 307 -36.59 -13.69 15.20
N GLU C 308 -35.32 -14.00 14.97
CA GLU C 308 -34.68 -15.13 15.61
C GLU C 308 -34.14 -14.74 17.00
N ALA C 309 -33.88 -15.76 17.81
CA ALA C 309 -33.40 -15.54 19.16
C ALA C 309 -31.90 -15.31 19.18
N GLU C 310 -31.45 -14.42 20.06
CA GLU C 310 -30.05 -14.06 20.21
C GLU C 310 -29.62 -14.30 21.65
N TYR C 311 -28.48 -14.95 21.83
CA TYR C 311 -27.97 -15.30 23.15
C TYR C 311 -26.62 -14.62 23.37
N TYR C 312 -26.40 -14.10 24.58
CA TYR C 312 -25.26 -13.24 24.85
C TYR C 312 -24.57 -13.64 26.15
N ILE C 313 -23.30 -13.22 26.26
CA ILE C 313 -22.52 -13.30 27.49
C ILE C 313 -21.83 -11.96 27.69
N HIS C 314 -22.03 -11.36 28.86
CA HIS C 314 -21.51 -10.03 29.16
C HIS C 314 -20.34 -10.11 30.12
N LEU C 315 -19.38 -9.21 29.93
CA LEU C 315 -18.14 -9.19 30.70
C LEU C 315 -17.36 -7.93 30.34
N SER C 316 -16.51 -7.50 31.27
CA SER C 316 -15.69 -6.30 31.09
C SER C 316 -14.28 -6.69 30.69
N VAL C 317 -13.68 -5.90 29.79
CA VAL C 317 -12.38 -6.20 29.22
C VAL C 317 -11.45 -5.01 29.41
N ILE C 318 -10.25 -5.26 29.90
CA ILE C 318 -9.17 -4.29 29.87
C ILE C 318 -8.33 -4.54 28.62
N THR C 319 -8.13 -3.49 27.83
CA THR C 319 -7.28 -3.55 26.65
C THR C 319 -6.03 -2.71 26.90
N ALA C 320 -4.85 -3.29 26.68
CA ALA C 320 -3.61 -2.62 27.00
C ALA C 320 -2.61 -2.79 25.86
N LEU C 321 -1.74 -1.80 25.71
CA LEU C 321 -0.65 -1.83 24.74
C LEU C 321 0.59 -1.32 25.44
N ALA C 322 1.52 -2.20 25.76
CA ALA C 322 2.72 -1.86 26.51
C ALA C 322 3.96 -1.97 25.63
N ARG C 323 5.12 -1.68 26.23
CA ARG C 323 6.39 -1.76 25.53
C ARG C 323 7.50 -2.01 26.53
N LYS C 324 8.39 -2.95 26.21
CA LYS C 324 9.54 -3.24 27.07
C LYS C 324 10.62 -2.18 26.86
N PHE C 325 11.30 -1.83 27.94
CA PHE C 325 12.39 -0.86 27.89
C PHE C 325 13.71 -1.53 27.56
N GLU D 42 15.24 39.19 -4.79
CA GLU D 42 14.71 39.73 -3.55
C GLU D 42 14.31 41.20 -3.77
N ALA D 43 13.76 41.83 -2.74
CA ALA D 43 13.27 43.21 -2.80
C ALA D 43 12.22 43.35 -3.89
N TYR D 44 12.51 44.07 -4.97
CA TYR D 44 11.54 44.22 -6.05
C TYR D 44 11.46 42.88 -6.77
N ARG D 45 10.40 42.12 -6.49
CA ARG D 45 10.09 40.87 -7.19
C ARG D 45 11.24 39.87 -7.08
N GLY D 46 11.23 39.07 -6.02
CA GLY D 46 12.20 38.03 -5.70
C GLY D 46 13.31 37.73 -6.72
N ILE D 47 13.15 36.64 -7.46
CA ILE D 47 14.16 36.19 -8.41
C ILE D 47 13.55 36.28 -9.81
N ASP D 48 14.01 37.26 -10.59
CA ASP D 48 13.65 37.32 -12.00
C ASP D 48 14.52 36.37 -12.81
N LYS D 49 14.27 36.31 -14.12
CA LYS D 49 14.97 35.42 -15.05
C LYS D 49 14.86 33.97 -14.57
N PRO D 50 13.67 33.37 -14.64
CA PRO D 50 13.52 32.01 -14.13
C PRO D 50 14.20 30.96 -14.98
N HIS D 51 14.39 31.24 -16.27
CA HIS D 51 15.02 30.27 -17.18
C HIS D 51 16.35 29.80 -16.64
N LEU D 52 17.13 30.71 -16.05
CA LEU D 52 18.44 30.35 -15.53
C LEU D 52 18.39 29.66 -14.18
N TYR D 53 17.31 29.85 -13.41
CA TYR D 53 17.21 29.18 -12.13
C TYR D 53 16.92 27.69 -12.29
N THR D 54 16.16 27.32 -13.32
CA THR D 54 15.91 25.90 -13.60
C THR D 54 17.16 25.14 -13.99
N LEU D 55 18.29 25.84 -14.18
CA LEU D 55 19.56 25.14 -14.37
C LEU D 55 19.99 24.41 -13.11
N GLY D 56 19.48 24.80 -11.95
CA GLY D 56 19.67 24.07 -10.72
C GLY D 56 18.57 23.08 -10.39
N CYS D 57 17.68 22.80 -11.34
CA CYS D 57 16.59 21.84 -11.10
C CYS D 57 17.14 20.48 -10.66
N CYS D 58 18.13 19.98 -11.40
CA CYS D 58 18.62 18.62 -11.15
C CYS D 58 19.02 18.42 -9.69
N SER D 59 19.79 19.37 -9.14
CA SER D 59 20.29 19.20 -7.78
C SER D 59 19.27 19.64 -6.74
N LEU D 60 18.58 20.76 -6.98
CA LEU D 60 17.66 21.29 -5.98
C LEU D 60 16.44 20.38 -5.82
N THR D 61 15.91 19.86 -6.92
CA THR D 61 14.80 18.92 -6.83
C THR D 61 15.17 17.70 -6.01
N ALA D 62 16.33 17.11 -6.30
CA ALA D 62 16.77 15.94 -5.54
C ALA D 62 17.09 16.29 -4.09
N MET D 63 17.53 17.52 -3.82
CA MET D 63 17.90 17.90 -2.46
C MET D 63 16.66 18.02 -1.59
N ALA D 64 15.65 18.77 -2.04
CA ALA D 64 14.41 18.85 -1.28
C ALA D 64 13.70 17.51 -1.23
N SER D 65 13.86 16.68 -2.26
CA SER D 65 13.32 15.33 -2.22
C SER D 65 13.94 14.51 -1.10
N ALA D 66 15.21 14.75 -0.81
CA ALA D 66 15.88 14.03 0.27
C ALA D 66 15.48 14.59 1.64
N GLN D 67 15.34 15.90 1.75
CA GLN D 67 14.94 16.51 3.02
C GLN D 67 13.55 16.05 3.43
N LEU D 68 12.63 15.97 2.47
CA LEU D 68 11.26 15.60 2.79
C LEU D 68 11.15 14.12 3.16
N ASP D 69 11.97 13.27 2.56
CA ASP D 69 11.95 11.85 2.91
C ASP D 69 12.37 11.60 4.34
N ALA D 70 13.14 12.51 4.94
CA ALA D 70 13.53 12.39 6.34
C ALA D 70 12.45 12.88 7.30
N LEU D 71 11.45 13.61 6.80
CA LEU D 71 10.38 14.13 7.63
C LEU D 71 9.00 13.59 7.27
N TRP D 72 8.86 12.91 6.14
CA TRP D 72 7.52 12.55 5.64
C TRP D 72 6.82 11.54 6.54
N SER D 73 7.56 10.76 7.33
CA SER D 73 6.93 9.82 8.24
C SER D 73 6.28 10.54 9.42
N GLN D 74 6.85 11.67 9.84
CA GLN D 74 6.34 12.42 10.98
C GLN D 74 5.20 13.37 10.62
N LEU D 75 4.63 13.24 9.43
CA LEU D 75 3.58 14.15 8.96
C LEU D 75 2.24 13.43 9.05
N SER D 76 1.37 13.91 9.95
CA SER D 76 0.01 13.41 10.04
C SER D 76 -0.88 14.14 9.04
N TRP D 77 -1.93 13.46 8.60
CA TRP D 77 -2.80 14.01 7.57
C TRP D 77 -4.26 13.88 7.98
N PRO D 78 -5.10 14.82 7.59
CA PRO D 78 -6.53 14.71 7.89
C PRO D 78 -7.21 13.71 6.96
N GLN D 79 -8.40 13.29 7.39
CA GLN D 79 -9.16 12.31 6.62
C GLN D 79 -9.62 12.89 5.30
N THR D 80 -10.35 14.01 5.35
CA THR D 80 -10.69 14.73 4.13
C THR D 80 -9.53 15.66 3.77
N PRO D 81 -8.99 15.57 2.55
CA PRO D 81 -7.79 16.35 2.22
C PRO D 81 -8.03 17.85 2.32
N LEU D 82 -7.03 18.56 2.82
CA LEU D 82 -6.99 20.01 2.88
C LEU D 82 -5.93 20.54 1.91
N PRO D 83 -6.10 21.75 1.39
CA PRO D 83 -5.11 22.29 0.45
C PRO D 83 -3.74 22.46 1.10
N VAL D 84 -2.69 22.30 0.30
CA VAL D 84 -1.32 22.41 0.73
C VAL D 84 -0.68 23.60 0.03
N LEU D 85 0.10 24.38 0.77
CA LEU D 85 0.70 25.61 0.26
C LEU D 85 2.21 25.50 0.24
N ASP D 86 2.81 25.83 -0.90
CA ASP D 86 4.26 25.94 -1.05
C ASP D 86 4.58 27.42 -1.27
N ILE D 87 5.29 28.02 -0.32
CA ILE D 87 5.61 29.44 -0.35
C ILE D 87 7.01 29.59 -0.91
N GLY D 88 7.18 30.53 -1.84
CA GLY D 88 8.46 30.71 -2.50
C GLY D 88 8.85 29.50 -3.31
N CYS D 89 7.96 29.05 -4.19
CA CYS D 89 8.17 27.82 -4.94
C CYS D 89 9.21 27.97 -6.04
N GLY D 90 9.53 29.21 -6.44
CA GLY D 90 10.44 29.43 -7.53
C GLY D 90 9.81 29.10 -8.86
N PRO D 91 10.55 28.39 -9.73
CA PRO D 91 10.01 28.00 -11.03
C PRO D 91 9.03 26.83 -10.97
N GLY D 92 8.69 26.34 -9.78
CA GLY D 92 7.67 25.32 -9.65
C GLY D 92 8.16 23.90 -9.85
N ASP D 93 9.45 23.64 -9.67
CA ASP D 93 9.95 22.29 -9.83
C ASP D 93 9.80 21.48 -8.55
N ILE D 94 10.04 22.11 -7.40
CA ILE D 94 9.74 21.45 -6.13
C ILE D 94 8.24 21.23 -5.99
N ALA D 95 7.43 22.19 -6.43
CA ALA D 95 5.99 22.06 -6.34
C ALA D 95 5.47 20.93 -7.22
N ARG D 96 5.99 20.82 -8.44
CA ARG D 96 5.47 19.82 -9.37
C ARG D 96 6.12 18.46 -9.14
N LYS D 97 7.45 18.40 -9.11
CA LYS D 97 8.16 17.13 -9.16
C LYS D 97 8.42 16.51 -7.80
N VAL D 98 8.30 17.27 -6.72
CA VAL D 98 8.61 16.79 -5.37
C VAL D 98 7.35 16.70 -4.50
N LEU D 99 6.61 17.80 -4.39
CA LEU D 99 5.47 17.84 -3.49
C LEU D 99 4.26 17.10 -4.06
N ALA D 100 3.95 17.34 -5.33
CA ALA D 100 2.71 16.81 -5.90
C ALA D 100 2.63 15.28 -5.88
N PRO D 101 3.65 14.52 -6.30
CA PRO D 101 3.51 13.05 -6.25
C PRO D 101 3.40 12.51 -4.84
N ARG D 102 4.00 13.17 -3.85
CA ARG D 102 4.04 12.66 -2.50
C ARG D 102 2.80 13.00 -1.68
N LEU D 103 1.97 13.93 -2.13
CA LEU D 103 0.76 14.30 -1.40
C LEU D 103 -0.27 13.19 -1.47
N PRO D 104 -1.19 13.13 -0.49
CA PRO D 104 -2.31 12.20 -0.59
C PRO D 104 -3.19 12.54 -1.78
N ALA D 105 -3.91 11.53 -2.26
CA ALA D 105 -4.80 11.71 -3.40
C ALA D 105 -5.93 12.67 -3.05
N GLY D 106 -6.28 13.53 -3.99
CA GLY D 106 -7.31 14.53 -3.78
C GLY D 106 -6.82 15.81 -3.12
N THR D 107 -5.61 15.82 -2.58
CA THR D 107 -5.07 17.01 -1.94
C THR D 107 -4.62 18.01 -2.99
N ARG D 108 -5.17 19.22 -2.94
CA ARG D 108 -4.82 20.28 -3.86
C ARG D 108 -3.59 21.03 -3.38
N LEU D 109 -2.84 21.58 -4.33
CA LEU D 109 -1.59 22.26 -4.05
C LEU D 109 -1.63 23.69 -4.57
N VAL D 110 -1.13 24.62 -3.77
CA VAL D 110 -1.02 26.02 -4.13
C VAL D 110 0.44 26.44 -3.95
N ALA D 111 1.00 27.10 -4.96
CA ALA D 111 2.39 27.53 -4.93
C ALA D 111 2.47 29.01 -5.28
N CYS D 112 3.16 29.78 -4.43
CA CYS D 112 3.24 31.21 -4.59
C CYS D 112 4.70 31.66 -4.67
N ASP D 113 4.88 32.93 -5.03
CA ASP D 113 6.19 33.55 -5.22
C ASP D 113 5.99 35.03 -5.53
N ILE D 114 6.86 35.91 -5.03
CA ILE D 114 6.72 37.33 -5.34
C ILE D 114 6.92 37.57 -6.83
N SER D 115 7.99 37.01 -7.39
CA SER D 115 8.38 37.25 -8.77
C SER D 115 7.29 36.83 -9.75
N PRO D 116 6.70 37.78 -10.48
CA PRO D 116 5.75 37.40 -11.54
C PRO D 116 6.42 36.64 -12.66
N GLU D 117 7.74 36.79 -12.82
CA GLU D 117 8.47 35.99 -13.81
C GLU D 117 8.42 34.51 -13.44
N MET D 118 8.51 34.20 -12.14
CA MET D 118 8.39 32.81 -11.70
C MET D 118 6.98 32.29 -11.95
N VAL D 119 5.96 33.05 -11.57
CA VAL D 119 4.59 32.59 -11.69
C VAL D 119 4.23 32.34 -13.15
N ASP D 120 4.76 33.17 -14.05
CA ASP D 120 4.51 32.96 -15.48
C ASP D 120 5.25 31.72 -15.97
N PHE D 121 6.45 31.47 -15.47
CA PHE D 121 7.21 30.28 -15.86
C PHE D 121 6.53 29.01 -15.36
N CYS D 122 5.91 29.07 -14.18
CA CYS D 122 5.28 27.89 -13.60
C CYS D 122 4.09 27.44 -14.42
N ARG D 123 3.21 28.37 -14.78
CA ARG D 123 1.95 28.02 -15.43
C ARG D 123 2.12 27.44 -16.82
N GLN D 124 3.34 27.39 -17.34
CA GLN D 124 3.61 26.79 -18.65
C GLN D 124 4.36 25.47 -18.54
N HIS D 125 5.49 25.45 -17.84
CA HIS D 125 6.37 24.28 -17.85
C HIS D 125 6.09 23.29 -16.73
N ASN D 126 5.46 23.73 -15.64
CA ASN D 126 5.10 22.80 -14.56
C ASN D 126 3.58 22.80 -14.36
N ALA D 127 2.83 22.66 -15.45
CA ALA D 127 1.38 22.70 -15.38
C ALA D 127 0.84 21.34 -15.00
N LEU D 128 0.05 21.29 -13.92
CA LEU D 128 -0.65 20.10 -13.48
C LEU D 128 -2.09 20.50 -13.17
N PRO D 129 -2.94 20.55 -14.18
CA PRO D 129 -4.31 21.01 -13.97
C PRO D 129 -5.07 20.14 -12.98
N GLY D 130 -5.99 20.77 -12.26
CA GLY D 130 -6.78 20.08 -11.25
C GLY D 130 -6.03 19.73 -9.98
N THR D 131 -4.76 20.12 -9.86
CA THR D 131 -3.97 19.76 -8.69
C THR D 131 -3.15 20.95 -8.19
N ILE D 132 -2.35 21.55 -9.07
CA ILE D 132 -1.45 22.64 -8.71
C ILE D 132 -1.98 23.93 -9.30
N THR D 133 -2.03 24.98 -8.47
CA THR D 133 -2.37 26.33 -8.91
C THR D 133 -1.27 27.27 -8.43
N TYR D 134 -0.78 28.11 -9.33
CA TYR D 134 0.31 29.03 -9.03
C TYR D 134 -0.23 30.45 -8.85
N GLU D 135 0.24 31.13 -7.81
CA GLU D 135 -0.28 32.43 -7.42
C GLU D 135 0.85 33.39 -7.14
N LEU D 136 0.49 34.68 -7.06
CA LEU D 136 1.40 35.73 -6.62
C LEU D 136 1.15 36.00 -5.14
N LEU D 137 2.23 36.09 -4.35
CA LEU D 137 2.09 36.38 -2.94
C LEU D 137 3.46 36.72 -2.36
N ASP D 138 3.48 37.76 -1.52
CA ASP D 138 4.65 38.09 -0.71
C ASP D 138 4.38 37.63 0.71
N VAL D 139 5.31 36.83 1.25
CA VAL D 139 5.10 36.20 2.55
C VAL D 139 4.91 37.21 3.67
N VAL D 140 5.37 38.44 3.48
CA VAL D 140 5.25 39.47 4.51
C VAL D 140 4.31 40.58 4.04
N GLU D 141 3.34 40.22 3.22
CA GLU D 141 2.34 41.20 2.79
C GLU D 141 1.46 41.58 3.96
N PRO D 142 1.28 42.87 4.24
CA PRO D 142 0.35 43.26 5.31
C PRO D 142 -1.10 42.87 5.01
N ARG D 143 -1.59 43.22 3.82
CA ARG D 143 -2.95 42.89 3.41
C ARG D 143 -3.01 41.48 2.85
N LEU D 144 -2.69 40.52 3.73
CA LEU D 144 -2.71 39.11 3.33
C LEU D 144 -4.13 38.66 2.99
N GLU D 145 -5.12 39.13 3.75
CA GLU D 145 -6.49 38.70 3.55
C GLU D 145 -7.08 39.14 2.22
N ASP D 146 -6.41 40.04 1.51
CA ASP D 146 -6.86 40.52 0.22
C ASP D 146 -6.17 39.80 -0.95
N THR D 147 -5.48 38.71 -0.68
CA THR D 147 -4.77 37.95 -1.71
C THR D 147 -5.52 36.68 -2.07
N VAL D 148 -5.24 36.17 -3.27
CA VAL D 148 -5.89 34.95 -3.73
C VAL D 148 -5.48 33.76 -2.87
N VAL D 149 -4.23 33.75 -2.40
CA VAL D 149 -3.74 32.62 -1.60
C VAL D 149 -4.51 32.48 -0.31
N TRP D 150 -4.80 33.60 0.35
CA TRP D 150 -5.47 33.55 1.65
C TRP D 150 -6.86 32.93 1.54
N ARG D 151 -7.55 33.17 0.43
CA ARG D 151 -8.92 32.70 0.27
C ARG D 151 -8.99 31.31 -0.34
N ASN D 152 -7.89 30.78 -0.87
CA ASN D 152 -7.80 29.35 -1.11
C ASN D 152 -7.64 28.56 0.16
N GLY D 153 -7.32 29.22 1.27
CA GLY D 153 -7.12 28.56 2.54
C GLY D 153 -8.42 28.35 3.30
N PRO D 154 -8.31 27.90 4.55
CA PRO D 154 -7.07 27.63 5.30
C PRO D 154 -6.39 26.34 4.83
N PHE D 155 -5.08 26.25 5.01
CA PHE D 155 -4.29 25.14 4.49
C PHE D 155 -3.90 24.18 5.62
N GLY D 156 -3.74 22.91 5.26
CA GLY D 156 -3.33 21.91 6.22
C GLY D 156 -1.83 21.83 6.38
N LYS D 157 -1.09 22.18 5.33
CA LYS D 157 0.36 22.12 5.34
C LYS D 157 0.92 23.33 4.62
N VAL D 158 1.98 23.91 5.17
CA VAL D 158 2.70 25.01 4.54
C VAL D 158 4.14 24.57 4.35
N PHE D 159 4.60 24.57 3.11
CA PHE D 159 5.96 24.15 2.76
C PHE D 159 6.75 25.41 2.41
N CYS D 160 7.59 25.85 3.34
CA CYS D 160 8.44 27.02 3.15
C CYS D 160 9.87 26.52 2.99
N MET D 161 10.33 26.45 1.73
CA MET D 161 11.66 25.93 1.45
C MET D 161 12.74 27.00 1.63
N LEU D 162 13.67 27.09 0.68
CA LEU D 162 14.82 27.98 0.79
C LEU D 162 14.40 29.38 0.35
N MET D 163 13.79 30.12 1.28
CA MET D 163 13.29 31.45 0.93
C MET D 163 13.32 32.42 2.10
N LEU D 164 13.09 31.92 3.32
CA LEU D 164 13.05 32.81 4.49
C LEU D 164 14.36 33.57 4.70
N HIS D 165 15.45 33.16 4.04
CA HIS D 165 16.68 33.93 4.10
C HIS D 165 16.64 35.15 3.19
N LEU D 166 15.83 35.11 2.14
CA LEU D 166 15.49 36.28 1.34
C LEU D 166 14.42 37.16 2.00
N VAL D 167 14.01 36.82 3.22
CA VAL D 167 12.96 37.58 3.91
C VAL D 167 13.56 38.22 5.15
N PRO D 168 13.77 39.54 5.16
CA PRO D 168 14.32 40.20 6.36
C PRO D 168 13.46 39.96 7.60
N ASP D 169 12.23 40.46 7.57
CA ASP D 169 11.32 40.31 8.70
C ASP D 169 10.82 38.87 8.78
N ASN D 170 11.56 38.02 9.48
CA ASN D 170 11.19 36.61 9.57
C ASN D 170 10.02 36.39 10.52
N ARG D 171 9.90 37.19 11.57
CA ARG D 171 8.80 37.01 12.51
C ARG D 171 7.46 37.35 11.87
N LEU D 172 7.45 38.37 11.01
CA LEU D 172 6.22 38.70 10.28
C LEU D 172 5.85 37.58 9.31
N ALA D 173 6.85 36.97 8.68
CA ALA D 173 6.58 35.85 7.77
C ALA D 173 6.08 34.63 8.54
N VAL D 174 6.57 34.41 9.76
CA VAL D 174 6.07 33.30 10.57
C VAL D 174 4.66 33.58 11.04
N LYS D 175 4.36 34.84 11.36
CA LYS D 175 3.00 35.19 11.77
C LYS D 175 2.00 34.97 10.65
N ASN D 176 2.39 35.32 9.42
CA ASN D 176 1.48 35.12 8.28
C ASN D 176 1.33 33.64 7.93
N ILE D 177 2.35 32.84 8.16
CA ILE D 177 2.22 31.40 7.96
C ILE D 177 1.31 30.80 9.03
N HIS D 178 1.39 31.34 10.25
CA HIS D 178 0.50 30.87 11.32
C HIS D 178 -0.96 31.19 11.03
N LYS D 179 -1.23 32.31 10.35
CA LYS D 179 -2.59 32.65 9.96
C LYS D 179 -3.14 31.62 8.97
N LEU D 180 -2.31 31.19 8.02
CA LEU D 180 -2.76 30.34 6.93
C LEU D 180 -3.02 28.90 7.38
N LEU D 181 -2.40 28.47 8.47
CA LEU D 181 -2.51 27.08 8.91
C LEU D 181 -3.76 26.87 9.75
N VAL D 182 -4.37 25.69 9.59
CA VAL D 182 -5.45 25.27 10.46
C VAL D 182 -4.86 24.91 11.80
N PRO D 183 -5.61 25.01 12.90
CA PRO D 183 -5.09 24.54 14.20
C PRO D 183 -4.75 23.07 14.13
N GLY D 184 -3.47 22.76 14.35
CA GLY D 184 -2.97 21.42 14.19
C GLY D 184 -2.20 21.19 12.91
N GLY D 185 -2.29 22.10 11.94
CA GLY D 185 -1.52 21.98 10.73
C GLY D 185 -0.02 22.08 10.98
N GLU D 186 0.75 21.64 9.99
CA GLU D 186 2.19 21.53 10.13
C GLU D 186 2.89 22.39 9.08
N ALA D 187 4.07 22.89 9.44
CA ALA D 187 4.87 23.75 8.57
C ALA D 187 6.26 23.17 8.45
N VAL D 188 6.69 22.89 7.22
CA VAL D 188 8.01 22.31 6.95
C VAL D 188 8.91 23.42 6.44
N PHE D 189 9.96 23.73 7.18
CA PHE D 189 10.89 24.79 6.84
C PHE D 189 12.19 24.22 6.28
N SER D 190 12.88 25.05 5.50
CA SER D 190 14.19 24.75 4.93
C SER D 190 14.93 26.09 4.80
N VAL D 191 15.25 26.68 5.94
CA VAL D 191 15.87 28.00 6.00
C VAL D 191 17.37 27.86 5.92
N ILE D 192 18.00 28.73 5.13
CA ILE D 192 19.46 28.76 5.05
C ILE D 192 20.00 29.59 6.21
N ALA D 193 20.79 28.95 7.07
CA ALA D 193 21.39 29.64 8.21
C ALA D 193 22.42 30.66 7.74
N ASN D 194 23.55 30.16 7.22
CA ASN D 194 24.61 31.02 6.74
C ASN D 194 25.18 30.44 5.45
N MET D 195 25.70 31.33 4.60
CA MET D 195 26.32 30.92 3.35
C MET D 195 27.29 32.01 2.92
N ALA D 196 28.24 31.63 2.06
CA ALA D 196 29.26 32.58 1.61
C ALA D 196 28.73 33.59 0.62
N LEU D 197 27.53 33.39 0.06
CA LEU D 197 26.94 34.41 -0.79
C LEU D 197 26.61 35.68 0.00
N CYS D 198 26.30 35.52 1.29
CA CYS D 198 25.96 36.67 2.13
C CYS D 198 27.21 37.44 2.55
N ASP D 199 28.27 36.73 2.94
CA ASP D 199 29.50 37.40 3.31
C ASP D 199 30.10 38.14 2.12
N ALA D 200 29.97 37.56 0.92
CA ALA D 200 30.42 38.26 -0.29
C ALA D 200 29.60 39.52 -0.52
N TYR D 201 28.34 39.53 -0.08
CA TYR D 201 27.54 40.74 -0.17
C TYR D 201 28.04 41.81 0.80
N GLU D 202 28.33 41.42 2.04
CA GLU D 202 28.79 42.37 3.05
C GLU D 202 30.14 42.96 2.70
N GLU D 203 30.99 42.20 1.99
CA GLU D 203 32.29 42.72 1.61
C GLU D 203 32.21 43.66 0.41
N MET D 204 31.29 43.41 -0.52
CA MET D 204 31.13 44.30 -1.66
C MET D 204 30.55 45.65 -1.23
N ALA D 205 29.72 45.67 -0.19
CA ALA D 205 29.07 46.90 0.22
C ALA D 205 30.06 47.95 0.72
N LYS D 206 31.22 47.50 1.21
CA LYS D 206 32.24 48.44 1.68
C LYS D 206 32.98 49.12 0.53
N GLU D 207 32.91 48.59 -0.68
CA GLU D 207 33.59 49.20 -1.81
C GLU D 207 32.89 50.51 -2.19
N PRO D 208 33.63 51.61 -2.35
CA PRO D 208 32.99 52.88 -2.76
C PRO D 208 32.27 52.79 -4.09
N ARG D 209 32.56 51.78 -4.91
CA ARG D 209 31.84 51.57 -6.16
C ARG D 209 30.47 50.92 -5.94
N TRP D 210 30.25 50.29 -4.78
CA TRP D 210 29.03 49.55 -4.52
C TRP D 210 28.19 50.09 -3.38
N ALA D 211 28.76 50.93 -2.51
CA ALA D 211 28.07 51.33 -1.28
C ALA D 211 26.76 52.05 -1.56
N LEU D 212 26.64 52.72 -2.70
CA LEU D 212 25.39 53.39 -3.03
C LEU D 212 24.27 52.40 -3.24
N TYR D 213 24.50 51.38 -4.07
CA TYR D 213 23.49 50.36 -4.34
C TYR D 213 23.34 49.36 -3.20
N MET D 214 24.22 49.38 -2.20
CA MET D 214 24.23 48.38 -1.15
C MET D 214 24.17 48.99 0.25
N GLN D 215 23.49 50.14 0.38
CA GLN D 215 23.33 50.74 1.70
C GLN D 215 22.47 49.87 2.61
N ASP D 216 21.55 49.12 2.04
CA ASP D 216 20.68 48.20 2.78
C ASP D 216 21.18 46.77 2.68
N VAL D 217 22.48 46.58 2.89
CA VAL D 217 23.08 45.26 2.70
C VAL D 217 22.58 44.27 3.75
N GLU D 218 22.30 44.74 4.97
CA GLU D 218 21.86 43.84 6.03
C GLU D 218 20.46 43.29 5.79
N LYS D 219 19.70 43.90 4.87
CA LYS D 219 18.40 43.37 4.48
C LYS D 219 18.50 42.34 3.37
N PHE D 220 19.61 42.31 2.64
CA PHE D 220 19.87 41.30 1.62
C PHE D 220 20.60 40.09 2.17
N VAL D 221 20.76 40.00 3.49
CA VAL D 221 21.50 38.94 4.14
C VAL D 221 20.54 38.16 5.03
N SER D 222 20.72 36.85 5.10
CA SER D 222 19.95 36.03 6.02
C SER D 222 20.17 36.54 7.45
N PRO D 223 19.12 36.62 8.26
CA PRO D 223 19.30 37.10 9.64
C PRO D 223 20.09 36.14 10.50
N TYR D 224 20.06 34.84 10.18
CA TYR D 224 20.82 33.84 10.89
C TYR D 224 22.24 33.69 10.34
N GLN D 225 22.70 34.64 9.53
CA GLN D 225 24.05 34.59 8.99
C GLN D 225 25.09 34.63 10.10
N HIS D 226 25.02 35.66 10.95
CA HIS D 226 25.96 35.86 12.04
C HIS D 226 25.46 35.25 13.35
N SER D 227 24.47 34.38 13.30
CA SER D 227 23.94 33.75 14.51
C SER D 227 24.91 32.70 15.03
N GLU D 228 25.23 32.78 16.32
CA GLU D 228 26.06 31.78 16.95
C GLU D 228 25.31 30.48 17.22
N ASP D 229 23.98 30.48 17.11
CA ASP D 229 23.18 29.28 17.25
C ASP D 229 21.91 29.45 16.45
N PRO D 230 21.97 29.16 15.14
CA PRO D 230 20.77 29.34 14.30
C PRO D 230 19.61 28.44 14.69
N VAL D 231 19.90 27.21 15.11
CA VAL D 231 18.83 26.30 15.52
C VAL D 231 18.11 26.82 16.76
N GLY D 232 18.86 27.45 17.66
CA GLY D 232 18.24 27.99 18.86
C GLY D 232 17.34 29.18 18.57
N GLU D 233 17.82 30.11 17.75
CA GLU D 233 17.02 31.30 17.43
C GLU D 233 15.79 30.92 16.62
N PHE D 234 15.90 29.96 15.71
CA PHE D 234 14.75 29.59 14.88
C PHE D 234 13.74 28.78 15.68
N ARG D 235 14.19 27.95 16.62
CA ARG D 235 13.25 27.20 17.45
C ARG D 235 12.49 28.13 18.39
N LEU D 236 13.16 29.17 18.88
CA LEU D 236 12.48 30.13 19.76
C LEU D 236 11.52 31.01 18.97
N LEU D 237 11.91 31.40 17.76
CA LEU D 237 11.05 32.27 16.95
C LEU D 237 9.75 31.58 16.58
N LEU D 238 9.80 30.28 16.29
CA LEU D 238 8.59 29.55 15.94
C LEU D 238 7.68 29.39 17.17
N GLU D 239 8.26 28.97 18.29
CA GLU D 239 7.47 28.78 19.51
C GLU D 239 6.90 30.10 20.02
N SER D 240 7.62 31.20 19.81
CA SER D 240 7.11 32.51 20.21
C SER D 240 5.94 32.97 19.35
N GLU D 241 5.55 32.20 18.34
CA GLU D 241 4.39 32.51 17.51
C GLU D 241 3.33 31.43 17.59
N GLY D 242 3.33 30.64 18.67
CA GLY D 242 2.33 29.62 18.87
C GLY D 242 2.58 28.31 18.15
N PHE D 243 3.83 28.01 17.82
CA PHE D 243 4.17 26.77 17.13
C PHE D 243 4.78 25.76 18.10
N GLN D 244 4.66 24.48 17.73
CA GLN D 244 5.28 23.38 18.45
C GLN D 244 6.38 22.80 17.57
N VAL D 245 7.62 23.18 17.85
CA VAL D 245 8.75 22.72 17.06
C VAL D 245 8.97 21.23 17.29
N LEU D 246 8.56 20.41 16.33
CA LEU D 246 8.68 18.97 16.46
C LEU D 246 10.09 18.45 16.14
N ARG D 247 10.86 19.20 15.36
CA ARG D 247 12.18 18.76 14.93
C ARG D 247 12.91 19.93 14.30
N CYS D 248 14.19 20.10 14.64
CA CYS D 248 14.97 21.21 14.14
C CYS D 248 16.44 20.83 14.13
N ASP D 249 17.05 20.85 12.95
CA ASP D 249 18.44 20.46 12.78
C ASP D 249 19.13 21.41 11.81
N LEU D 250 20.46 21.41 11.85
CA LEU D 250 21.28 22.20 10.96
C LEU D 250 22.32 21.30 10.31
N GLY D 251 22.56 21.50 9.02
CA GLY D 251 23.52 20.71 8.29
C GLY D 251 23.97 21.37 7.01
N PRO D 252 25.14 20.98 6.52
CA PRO D 252 25.65 21.54 5.27
C PRO D 252 25.05 20.85 4.05
N GLN D 253 25.01 21.58 2.94
CA GLN D 253 24.44 21.09 1.70
C GLN D 253 25.31 21.52 0.53
N LYS D 254 25.45 20.62 -0.44
CA LYS D 254 26.13 20.90 -1.70
C LYS D 254 25.11 20.94 -2.84
N VAL D 255 25.35 21.81 -3.80
CA VAL D 255 24.49 21.95 -4.98
C VAL D 255 25.35 21.62 -6.19
N PHE D 256 25.15 20.44 -6.75
CA PHE D 256 25.97 19.97 -7.86
C PHE D 256 25.54 20.61 -9.17
N PHE D 257 26.51 20.83 -10.06
CA PHE D 257 26.27 21.30 -11.41
C PHE D 257 27.20 20.53 -12.34
N PRO D 258 26.67 19.95 -13.42
CA PRO D 258 27.54 19.12 -14.29
C PRO D 258 28.53 19.92 -15.10
N THR D 259 28.11 21.04 -15.68
CA THR D 259 28.97 21.84 -16.54
C THR D 259 29.49 23.07 -15.80
N ALA D 260 30.51 23.71 -16.39
CA ALA D 260 31.05 24.93 -15.82
C ALA D 260 30.09 26.09 -15.99
N GLU D 261 29.33 26.11 -17.08
CA GLU D 261 28.38 27.20 -17.30
C GLU D 261 27.23 27.16 -16.31
N THR D 262 26.57 26.00 -16.19
CA THR D 262 25.38 25.90 -15.34
C THR D 262 25.69 26.32 -13.91
N HIS D 263 26.94 26.20 -13.48
CA HIS D 263 27.33 26.69 -12.16
C HIS D 263 27.35 28.21 -12.11
N ARG D 264 27.39 28.89 -13.26
CA ARG D 264 27.48 30.35 -13.31
C ARG D 264 26.13 31.00 -13.62
N GLU D 265 25.48 30.60 -14.72
CA GLU D 265 24.22 31.22 -15.09
C GLU D 265 23.18 31.04 -14.00
N PHE D 266 23.31 29.99 -13.18
CA PHE D 266 22.49 29.89 -11.97
C PHE D 266 22.85 31.00 -10.98
N LEU D 267 24.14 31.14 -10.66
CA LEU D 267 24.58 32.18 -9.74
C LEU D 267 24.22 33.57 -10.24
N LYS D 268 24.03 33.74 -11.55
CA LYS D 268 23.50 35.00 -12.06
C LYS D 268 22.11 35.27 -11.51
N SER D 269 21.28 34.23 -11.40
CA SER D 269 19.89 34.42 -11.00
C SER D 269 19.75 34.71 -9.51
N VAL D 270 20.48 33.99 -8.66
CA VAL D 270 20.34 34.13 -7.22
C VAL D 270 21.09 35.35 -6.71
N CYS D 271 21.63 36.15 -7.63
CA CYS D 271 22.28 37.40 -7.27
C CYS D 271 21.20 38.46 -7.14
N ALA D 272 20.95 38.91 -5.90
CA ALA D 272 19.81 39.77 -5.61
C ALA D 272 20.05 41.24 -5.94
N PHE D 273 21.30 41.65 -6.16
CA PHE D 273 21.59 43.05 -6.41
C PHE D 273 21.67 43.42 -7.89
N LEU D 274 21.60 42.44 -8.80
CA LEU D 274 21.83 42.73 -10.21
C LEU D 274 20.73 43.58 -10.83
N TYR D 275 19.52 43.58 -10.26
CA TYR D 275 18.45 44.41 -10.80
C TYR D 275 18.70 45.90 -10.56
N ARG D 276 19.53 46.25 -9.58
CA ARG D 276 19.84 47.64 -9.30
C ARG D 276 20.98 48.19 -10.15
N ILE D 277 21.85 47.33 -10.66
CA ILE D 277 23.06 47.77 -11.36
C ILE D 277 22.75 48.04 -12.82
N PRO D 278 23.14 49.20 -13.35
CA PRO D 278 23.03 49.41 -14.80
C PRO D 278 23.91 48.44 -15.57
N GLU D 279 23.77 48.46 -16.89
CA GLU D 279 24.37 47.43 -17.73
C GLU D 279 25.89 47.50 -17.71
N GLU D 280 26.46 48.70 -17.72
CA GLU D 280 27.92 48.84 -17.85
C GLU D 280 28.66 48.23 -16.66
N GLN D 281 28.04 48.22 -15.49
CA GLN D 281 28.66 47.67 -14.29
C GLN D 281 28.09 46.32 -13.89
N LYS D 282 27.09 45.81 -14.62
CA LYS D 282 26.51 44.52 -14.26
C LYS D 282 27.53 43.39 -14.45
N ASP D 283 28.22 43.38 -15.59
CA ASP D 283 29.21 42.34 -15.83
C ASP D 283 30.38 42.43 -14.87
N ASP D 284 30.76 43.65 -14.47
CA ASP D 284 31.80 43.82 -13.47
C ASP D 284 31.29 43.49 -12.07
N PHE D 285 30.00 43.70 -11.81
CA PHE D 285 29.43 43.34 -10.52
C PHE D 285 29.46 41.83 -10.32
N PHE D 286 29.19 41.07 -11.38
CA PHE D 286 29.14 39.62 -11.27
C PHE D 286 30.54 39.04 -11.04
N ASP D 287 31.51 39.46 -11.86
CA ASP D 287 32.87 38.95 -11.70
C ASP D 287 33.45 39.33 -10.34
N ASP D 288 33.15 40.55 -9.88
CA ASP D 288 33.56 40.93 -8.53
C ASP D 288 32.88 40.07 -7.48
N TRP D 289 31.61 39.70 -7.73
CA TRP D 289 30.92 38.78 -6.83
C TRP D 289 31.50 37.37 -6.94
N LEU D 290 31.72 36.90 -8.17
CA LEU D 290 32.21 35.53 -8.35
C LEU D 290 33.61 35.36 -7.78
N GLN D 291 34.46 36.37 -7.92
CA GLN D 291 35.83 36.27 -7.41
C GLN D 291 35.84 36.16 -5.89
N ARG D 292 35.00 36.95 -5.22
CA ARG D 292 34.96 36.93 -3.77
C ARG D 292 34.37 35.62 -3.23
N LEU D 293 33.68 34.85 -4.07
CA LEU D 293 33.04 33.63 -3.59
C LEU D 293 34.05 32.52 -3.37
N GLU D 294 34.93 32.28 -4.34
CA GLU D 294 35.99 31.30 -4.14
C GLU D 294 37.01 31.78 -3.11
N LYS D 295 37.09 33.08 -2.87
CA LYS D 295 37.90 33.57 -1.75
C LYS D 295 37.31 33.11 -0.42
N LEU D 296 36.01 33.31 -0.23
CA LEU D 296 35.32 32.84 0.96
C LEU D 296 34.99 31.36 0.91
N LYS D 297 35.30 30.67 -0.19
CA LYS D 297 35.14 29.23 -0.32
C LYS D 297 33.67 28.81 -0.14
N GLY D 298 32.80 29.45 -0.89
CA GLY D 298 31.41 29.04 -0.93
C GLY D 298 31.14 28.12 -2.11
N THR D 299 31.80 28.40 -3.22
CA THR D 299 31.76 27.56 -4.41
C THR D 299 33.05 26.78 -4.53
N SER D 300 32.94 25.56 -5.09
CA SER D 300 34.08 24.69 -5.23
C SER D 300 33.99 23.94 -6.56
N GLN D 301 35.08 23.26 -6.91
CA GLN D 301 35.14 22.45 -8.11
C GLN D 301 35.80 21.12 -7.78
N GLY D 302 35.28 20.04 -8.36
CA GLY D 302 35.79 18.72 -8.07
C GLY D 302 35.98 17.84 -9.28
N VAL D 303 36.17 16.54 -9.05
CA VAL D 303 36.37 15.56 -10.11
C VAL D 303 35.38 14.42 -9.92
N GLY D 304 35.02 13.77 -11.02
CA GLY D 304 34.06 12.69 -11.01
C GLY D 304 34.72 11.33 -11.24
N ARG D 305 33.91 10.28 -11.05
CA ARG D 305 34.41 8.92 -11.27
C ARG D 305 34.74 8.69 -12.74
N ASN D 306 33.98 9.29 -13.65
CA ASN D 306 34.29 9.21 -15.07
C ASN D 306 35.40 10.15 -15.49
N GLY D 307 35.85 11.04 -14.61
CA GLY D 307 36.90 11.99 -14.90
C GLY D 307 36.44 13.39 -15.19
N GLU D 308 35.14 13.62 -15.32
CA GLU D 308 34.63 14.93 -15.66
C GLU D 308 34.76 15.89 -14.47
N ALA D 309 34.56 17.18 -14.76
CA ALA D 309 34.67 18.22 -13.75
C ALA D 309 33.32 18.44 -13.06
N GLU D 310 33.37 18.61 -11.75
CA GLU D 310 32.18 18.79 -10.93
C GLU D 310 32.23 20.17 -10.28
N TYR D 311 31.05 20.78 -10.13
CA TYR D 311 30.94 22.13 -9.60
C TYR D 311 29.89 22.16 -8.50
N TYR D 312 30.17 22.90 -7.42
CA TYR D 312 29.37 22.82 -6.21
C TYR D 312 29.12 24.21 -5.64
N ILE D 313 28.08 24.29 -4.82
CA ILE D 313 27.77 25.46 -4.00
C ILE D 313 27.51 24.99 -2.58
N HIS D 314 28.28 25.50 -1.63
CA HIS D 314 28.19 25.09 -0.23
C HIS D 314 27.40 26.12 0.57
N LEU D 315 26.57 25.63 1.48
CA LEU D 315 25.68 26.48 2.27
C LEU D 315 25.03 25.65 3.36
N SER D 316 24.74 26.30 4.49
CA SER D 316 24.13 25.65 5.63
C SER D 316 22.61 25.79 5.58
N VAL D 317 21.90 24.73 5.98
CA VAL D 317 20.45 24.67 5.91
C VAL D 317 19.90 24.27 7.27
N ILE D 318 18.92 25.02 7.76
CA ILE D 318 18.14 24.63 8.92
C ILE D 318 16.88 23.92 8.43
N THR D 319 16.64 22.72 8.96
CA THR D 319 15.43 21.96 8.66
C THR D 319 14.54 21.97 9.89
N ALA D 320 13.25 22.27 9.70
CA ALA D 320 12.33 22.41 10.81
C ALA D 320 10.99 21.77 10.48
N LEU D 321 10.32 21.28 11.51
CA LEU D 321 8.97 20.73 11.40
C LEU D 321 8.18 21.24 12.59
N ALA D 322 7.17 22.08 12.34
CA ALA D 322 6.41 22.75 13.38
C ALA D 322 4.94 22.34 13.30
N ARG D 323 4.13 22.94 14.17
CA ARG D 323 2.70 22.66 14.21
C ARG D 323 2.00 23.80 14.93
N LYS D 324 0.88 24.25 14.37
CA LYS D 324 0.10 25.31 14.98
C LYS D 324 -0.79 24.76 16.09
N PHE D 325 -0.97 25.57 17.12
CA PHE D 325 -1.82 25.18 18.26
C PHE D 325 -3.27 25.57 18.02
N SAM E . -20.18 -18.08 0.01
CA SAM E . -20.74 -17.62 1.26
C SAM E . -20.05 -18.31 2.42
O SAM E . -19.45 -19.39 2.24
OXT SAM E . -20.09 -17.78 3.59
CB SAM E . -22.27 -17.91 1.30
CG SAM E . -22.58 -19.32 0.74
SD SAM E . -24.40 -19.61 0.71
CE SAM E . -24.75 -21.38 0.79
C5' SAM E . -25.06 -18.93 -0.83
C4' SAM E . -25.46 -17.45 -0.62
O4' SAM E . -25.69 -16.88 -1.78
C3' SAM E . -26.81 -17.38 0.20
O3' SAM E . -26.74 -16.41 1.15
C2' SAM E . -27.86 -17.02 -0.83
O2' SAM E . -28.93 -16.19 -0.19
C1' SAM E . -27.19 -16.30 -1.75
N9 SAM E . -27.81 -16.46 -3.05
C8 SAM E . -28.44 -17.54 -3.49
N7 SAM E . -28.88 -17.34 -4.72
C5 SAM E . -28.53 -16.09 -5.10
C6 SAM E . -28.72 -15.34 -6.27
N6 SAM E . -29.45 -15.93 -7.45
N1 SAM E . -28.22 -14.12 -6.31
C2 SAM E . -27.56 -13.59 -5.26
N3 SAM E . -27.37 -14.27 -4.15
C4 SAM E . -27.83 -15.52 -4.03
N SAM F . 15.25 6.95 -20.94
CA SAM F . 16.36 7.57 -20.25
C SAM F . 16.08 9.05 -20.03
O SAM F . 15.28 9.65 -20.78
OXT SAM F . 16.64 9.67 -19.06
CB SAM F . 17.66 7.39 -21.07
CG SAM F . 17.49 7.83 -22.56
SD SAM F . 19.10 7.70 -23.44
CE SAM F . 19.05 8.72 -24.93
C5' SAM F . 19.39 5.99 -23.92
C4' SAM F . 20.18 5.24 -22.81
O4' SAM F . 20.12 3.96 -23.02
C3' SAM F . 21.70 5.66 -22.87
O3' SAM F . 22.18 5.92 -21.61
C2' SAM F . 22.41 4.45 -23.45
O2' SAM F . 23.76 4.32 -22.83
C1' SAM F . 21.63 3.40 -23.10
N9 SAM F . 21.72 2.35 -24.10
C8 SAM F . 21.92 2.54 -25.40
N7 SAM F . 21.94 1.36 -26.01
C5 SAM F . 21.76 0.40 -25.10
C6 SAM F . 21.70 -1.01 -25.16
N6 SAM F . 21.85 -1.73 -26.46
N1 SAM F . 21.50 -1.67 -24.03
C2 SAM F . 21.37 -1.03 -22.85
N3 SAM F . 21.41 0.28 -22.76
C4 SAM F . 21.62 1.03 -23.85
N SAM G . -7.83 -15.48 23.56
CA SAM G . -8.18 -16.73 22.92
C SAM G . -9.57 -16.65 22.32
O SAM G . -10.35 -15.72 22.65
OXT SAM G . -9.95 -17.52 21.47
CB SAM G . -8.12 -17.88 23.95
CG SAM G . -8.99 -17.55 25.19
SD SAM G . -9.03 -19.03 26.27
CE SAM G . -10.61 -19.07 27.15
C5' SAM G . -7.72 -18.91 27.49
C4' SAM G . -6.70 -20.03 27.18
O4' SAM G . -5.62 -19.83 27.87
C3' SAM G . -7.29 -21.43 27.60
O3' SAM G . -7.29 -22.28 26.53
C2' SAM G . -6.37 -21.96 28.67
O2' SAM G . -6.07 -23.40 28.42
C1' SAM G . -5.24 -21.23 28.56
N9 SAM G . -4.65 -20.94 29.85
C8 SAM G . -5.28 -20.90 31.02
N7 SAM G . -4.40 -20.61 31.98
C5 SAM G . -3.18 -20.45 31.42
C6 SAM G . -1.91 -20.15 31.91
N6 SAM G . -1.68 -19.90 33.38
N1 SAM G . -0.91 -20.07 31.06
C2 SAM G . -1.08 -20.29 29.74
N3 SAM G . -2.27 -20.58 29.24
C4 SAM G . -3.34 -20.66 30.05
C2 4VP H . -12.49 -20.64 32.95
C3 4VP H . -13.02 -19.44 33.02
C1' 4VP H . -13.14 -18.58 31.77
C6' 4VP H . -12.77 -19.11 30.54
C5' 4VP H . -12.88 -18.35 29.39
C4' 4VP H . -13.36 -17.05 29.45
O4' 4VP H . -13.46 -16.29 28.29
C3' 4VP H . -13.73 -16.52 30.68
C2' 4VP H . -13.62 -17.28 31.83
N SAM I . 12.75 26.90 -2.55
CA SAM I . 12.50 26.98 -3.98
C SAM I . 13.34 25.94 -4.70
O SAM I . 14.40 25.50 -4.18
OXT SAM I . 12.94 25.48 -5.84
CB SAM I . 12.86 28.40 -4.49
CG SAM I . 14.12 28.94 -3.77
SD SAM I . 14.53 30.63 -4.40
CE SAM I . 16.30 30.95 -4.16
C5' SAM I . 13.57 31.83 -3.46
C4' SAM I . 12.20 32.00 -4.14
O4' SAM I . 11.34 32.51 -3.30
C3' SAM I . 12.32 33.02 -5.35
O3' SAM I . 11.60 32.58 -6.41
C2' SAM I . 11.76 34.31 -4.81
O2' SAM I . 11.08 35.06 -5.92
C1' SAM I . 10.86 33.94 -3.88
N9 SAM I . 10.78 34.91 -2.80
C8 SAM I . 11.75 35.74 -2.42
N7 SAM I . 11.31 36.47 -1.40
C5 SAM I . 10.05 36.10 -1.11
C6 SAM I . 9.09 36.50 -0.15
N6 SAM I . 9.41 37.58 0.84
N1 SAM I . 7.92 35.91 -0.15
C2 SAM I . 7.62 34.93 -1.03
N3 SAM I . 8.48 34.53 -1.94
C4 SAM I . 9.71 35.08 -2.01
#